data_4H15
#
_entry.id   4H15
#
_cell.length_a   65.304
_cell.length_b   119.143
_cell.length_c   67.156
_cell.angle_alpha   90.000
_cell.angle_beta   105.830
_cell.angle_gamma   90.000
#
_symmetry.space_group_name_H-M   'P 1 21 1'
#
loop_
_entity.id
_entity.type
_entity.pdbx_description
1 polymer 'Short chain alcohol dehydrogenase-related dehydrogenase'
2 non-polymer 'CALCIUM ION'
3 non-polymer 'CHLORIDE ION'
4 non-polymer (4S)-2-METHYL-2,4-PENTANEDIOL
5 water water
#
_entity_poly.entity_id   1
_entity_poly.type   'polypeptide(L)'
_entity_poly.pdbx_seq_one_letter_code
;S(MSE)(MSE)IEFLNLRGKRALITAGTKGAGAATVSLFLELGAQVLTTARARPEGLPEELFVEADLTTKEGCAIVAEAT
RQRLGGVDVIVH(MSE)LGGSSAAGGGFSALSDDDWYNELSLNLFAAVRLDRQLVPD(MSE)VARGSGVVVHVTSIQRVL
PLPESTTAYAAAKAALSTYSKA(MSE)SKEVSPKGVRVVRVSPGWIETEASVRLAERLAKQAGTDLEGGKKII(MSE)DG
LGGIPLGRPAKPEEVANLIAFLASDRAASITGAEYTIDGGTVPTA
;
_entity_poly.pdbx_strand_id   A,B,C,D
#
loop_
_chem_comp.id
_chem_comp.type
_chem_comp.name
_chem_comp.formula
CA non-polymer 'CALCIUM ION' 'Ca 2'
CL non-polymer 'CHLORIDE ION' 'Cl -1'
MPD non-polymer (4S)-2-METHYL-2,4-PENTANEDIOL 'C6 H14 O2'
#
# COMPACT_ATOMS: atom_id res chain seq x y z
N SER A 1 -45.48 -13.66 -2.12
CA SER A 1 -44.11 -14.06 -1.91
C SER A 1 -43.41 -14.27 -3.24
N MSE A 2 -42.11 -14.01 -3.28
CA MSE A 2 -41.36 -14.20 -4.50
C MSE A 2 -39.90 -14.47 -4.20
O MSE A 2 -39.39 -14.09 -3.15
CB MSE A 2 -41.49 -12.99 -5.41
CG MSE A 2 -40.77 -11.75 -4.92
SE MSE A 2 -41.19 -10.21 -6.03
CE MSE A 2 -40.79 -11.01 -7.77
N MSE A 3 -39.23 -15.14 -5.13
CA MSE A 3 -37.82 -15.40 -4.95
C MSE A 3 -37.01 -14.15 -5.25
O MSE A 3 -37.48 -13.23 -5.92
CB MSE A 3 -37.37 -16.59 -5.81
CG MSE A 3 -38.05 -17.89 -5.42
SE MSE A 3 -37.35 -19.41 -6.46
CE MSE A 3 -35.56 -19.47 -5.72
N ILE A 4 -35.79 -14.12 -4.72
CA ILE A 4 -34.90 -12.98 -4.81
C ILE A 4 -34.17 -12.87 -6.13
N GLU A 5 -34.29 -11.72 -6.78
CA GLU A 5 -33.54 -11.44 -8.01
C GLU A 5 -32.60 -10.28 -7.74
N PHE A 6 -31.48 -10.59 -7.09
CA PHE A 6 -30.51 -9.56 -6.68
C PHE A 6 -29.55 -9.24 -7.81
N LEU A 7 -28.96 -10.27 -8.40
CA LEU A 7 -27.90 -10.06 -9.34
C LEU A 7 -28.02 -10.99 -10.52
N ASN A 8 -27.91 -10.42 -11.72
CA ASN A 8 -27.79 -11.22 -12.93
C ASN A 8 -26.94 -10.46 -13.94
N LEU A 9 -26.69 -11.09 -15.08
CA LEU A 9 -25.91 -10.46 -16.14
C LEU A 9 -26.70 -10.50 -17.45
N ARG A 10 -28.02 -10.48 -17.34
CA ARG A 10 -28.87 -10.51 -18.52
C ARG A 10 -28.60 -9.34 -19.46
N GLY A 11 -28.49 -9.62 -20.74
CA GLY A 11 -28.26 -8.57 -21.72
C GLY A 11 -26.79 -8.24 -21.95
N LYS A 12 -25.92 -8.72 -21.08
N LYS A 12 -25.91 -8.78 -21.11
CA LYS A 12 -24.50 -8.43 -21.23
CA LYS A 12 -24.49 -8.46 -21.19
C LYS A 12 -23.83 -9.42 -22.17
C LYS A 12 -23.66 -9.45 -22.01
N ARG A 13 -22.90 -8.91 -22.97
CA ARG A 13 -22.07 -9.72 -23.85
C ARG A 13 -20.67 -9.76 -23.26
N ALA A 14 -20.18 -10.94 -22.94
CA ALA A 14 -18.92 -11.08 -22.21
C ALA A 14 -17.91 -11.95 -22.96
N LEU A 15 -16.69 -11.42 -23.08
CA LEU A 15 -15.54 -12.18 -23.56
C LEU A 15 -14.74 -12.54 -22.32
N ILE A 16 -14.58 -13.83 -22.08
CA ILE A 16 -13.80 -14.30 -20.95
C ILE A 16 -12.65 -15.12 -21.50
N THR A 17 -11.42 -14.65 -21.34
CA THR A 17 -10.32 -15.39 -21.94
C THR A 17 -9.94 -16.61 -21.09
N ALA A 18 -9.44 -17.64 -21.75
CA ALA A 18 -8.86 -18.82 -21.08
C ALA A 18 -9.87 -19.57 -20.22
N GLY A 19 -10.97 -19.96 -20.83
CA GLY A 19 -12.06 -20.57 -20.08
C GLY A 19 -12.11 -22.08 -20.04
N THR A 20 -10.99 -22.75 -20.34
CA THR A 20 -10.97 -24.21 -20.42
C THR A 20 -11.14 -24.92 -19.07
N LYS A 21 -10.47 -24.40 -18.05
CA LYS A 21 -10.43 -25.08 -16.77
C LYS A 21 -10.26 -24.07 -15.66
N GLY A 22 -10.17 -24.57 -14.44
CA GLY A 22 -9.93 -23.72 -13.28
C GLY A 22 -10.95 -22.62 -13.10
N ALA A 23 -10.48 -21.47 -12.64
CA ALA A 23 -11.34 -20.31 -12.44
C ALA A 23 -11.94 -19.80 -13.75
N GLY A 24 -11.21 -19.94 -14.86
CA GLY A 24 -11.75 -19.54 -16.15
C GLY A 24 -13.02 -20.31 -16.49
N ALA A 25 -12.96 -21.63 -16.39
CA ALA A 25 -14.13 -22.44 -16.65
C ALA A 25 -15.27 -22.11 -15.71
N ALA A 26 -14.96 -21.90 -14.43
CA ALA A 26 -16.00 -21.59 -13.46
C ALA A 26 -16.66 -20.25 -13.78
N THR A 27 -15.88 -19.30 -14.29
CA THR A 27 -16.40 -17.98 -14.62
C THR A 27 -17.26 -18.01 -15.87
N VAL A 28 -16.85 -18.78 -16.87
CA VAL A 28 -17.68 -19.01 -18.05
C VAL A 28 -19.03 -19.62 -17.64
N SER A 29 -18.98 -20.64 -16.80
N SER A 29 -18.99 -20.63 -16.80
CA SER A 29 -20.19 -21.34 -16.37
CA SER A 29 -20.22 -21.31 -16.40
C SER A 29 -21.12 -20.40 -15.63
C SER A 29 -21.14 -20.38 -15.63
N LEU A 30 -20.57 -19.66 -14.66
CA LEU A 30 -21.39 -18.74 -13.87
C LEU A 30 -21.98 -17.61 -14.71
N PHE A 31 -21.19 -17.05 -15.63
CA PHE A 31 -21.71 -15.99 -16.48
C PHE A 31 -22.88 -16.48 -17.35
N LEU A 32 -22.77 -17.69 -17.89
CA LEU A 32 -23.86 -18.27 -18.65
C LEU A 32 -25.11 -18.45 -17.77
N GLU A 33 -24.89 -18.95 -16.56
CA GLU A 33 -25.96 -19.17 -15.58
CA GLU A 33 -25.98 -19.18 -15.62
C GLU A 33 -26.65 -17.87 -15.18
N LEU A 34 -25.91 -16.77 -15.19
CA LEU A 34 -26.48 -15.47 -14.82
C LEU A 34 -27.11 -14.76 -16.03
N GLY A 35 -27.15 -15.42 -17.18
CA GLY A 35 -27.85 -14.89 -18.33
C GLY A 35 -27.03 -14.10 -19.33
N ALA A 36 -25.70 -14.07 -19.17
CA ALA A 36 -24.85 -13.40 -20.14
C ALA A 36 -24.69 -14.18 -21.44
N GLN A 37 -24.42 -13.45 -22.51
CA GLN A 37 -23.95 -14.02 -23.76
CA GLN A 37 -23.95 -14.04 -23.75
C GLN A 37 -22.44 -14.13 -23.62
N VAL A 38 -21.88 -15.31 -23.84
CA VAL A 38 -20.46 -15.53 -23.54
C VAL A 38 -19.68 -16.09 -24.71
N LEU A 39 -18.48 -15.54 -24.90
CA LEU A 39 -17.47 -16.13 -25.76
C LEU A 39 -16.21 -16.32 -24.93
N THR A 40 -15.56 -17.48 -25.06
CA THR A 40 -14.30 -17.72 -24.37
C THR A 40 -13.24 -18.21 -25.35
N THR A 41 -12.02 -18.37 -24.86
CA THR A 41 -10.88 -18.69 -25.73
C THR A 41 -10.10 -19.88 -25.18
N ALA A 42 -9.37 -20.55 -26.07
CA ALA A 42 -8.47 -21.62 -25.69
C ALA A 42 -7.52 -21.85 -26.87
N ARG A 43 -6.38 -22.48 -26.60
CA ARG A 43 -5.46 -22.83 -27.67
C ARG A 43 -6.02 -23.97 -28.52
N ALA A 44 -6.87 -24.78 -27.91
CA ALA A 44 -7.65 -25.80 -28.62
C ALA A 44 -8.96 -26.01 -27.87
N ARG A 45 -10.07 -26.05 -28.60
CA ARG A 45 -11.37 -26.22 -27.98
C ARG A 45 -11.48 -27.61 -27.36
N PRO A 46 -12.01 -27.70 -26.14
CA PRO A 46 -12.27 -29.02 -25.56
C PRO A 46 -13.34 -29.72 -26.37
N GLU A 47 -13.13 -31.00 -26.70
CA GLU A 47 -14.14 -31.77 -27.43
C GLU A 47 -15.40 -31.92 -26.59
N GLY A 48 -16.55 -31.97 -27.26
CA GLY A 48 -17.81 -32.11 -26.57
C GLY A 48 -18.45 -30.79 -26.21
N LEU A 49 -17.62 -29.76 -26.06
CA LEU A 49 -18.12 -28.41 -25.81
C LEU A 49 -18.48 -27.75 -27.12
N PRO A 50 -19.58 -26.97 -27.13
CA PRO A 50 -20.08 -26.36 -28.37
C PRO A 50 -19.04 -25.47 -29.04
N GLU A 51 -18.96 -25.57 -30.36
CA GLU A 51 -18.00 -24.80 -31.15
C GLU A 51 -18.18 -23.29 -30.99
N GLU A 52 -19.42 -22.88 -30.79
CA GLU A 52 -19.77 -21.46 -30.76
C GLU A 52 -19.20 -20.78 -29.52
N LEU A 53 -19.08 -21.56 -28.45
CA LEU A 53 -18.68 -21.02 -27.15
C LEU A 53 -17.19 -20.66 -27.09
N PHE A 54 -16.37 -21.41 -27.81
CA PHE A 54 -14.92 -21.22 -27.77
C PHE A 54 -14.39 -20.71 -29.11
N VAL A 55 -13.45 -19.78 -29.04
CA VAL A 55 -12.64 -19.46 -30.21
C VAL A 55 -11.23 -19.98 -29.94
N GLU A 56 -10.70 -20.73 -30.91
CA GLU A 56 -9.35 -21.29 -30.80
C GLU A 56 -8.33 -20.27 -31.28
N ALA A 57 -7.41 -19.90 -30.39
CA ALA A 57 -6.42 -18.88 -30.70
C ALA A 57 -5.32 -18.83 -29.65
N ASP A 58 -4.15 -18.38 -30.06
CA ASP A 58 -3.04 -18.16 -29.14
C ASP A 58 -2.99 -16.67 -28.84
N LEU A 59 -3.53 -16.30 -27.68
CA LEU A 59 -3.60 -14.89 -27.30
C LEU A 59 -2.25 -14.23 -27.04
N THR A 60 -1.18 -15.02 -27.00
CA THR A 60 0.17 -14.46 -26.89
C THR A 60 0.75 -14.00 -28.22
N THR A 61 -0.07 -13.98 -29.28
CA THR A 61 0.38 -13.49 -30.59
C THR A 61 -0.56 -12.44 -31.15
N LYS A 62 -0.04 -11.60 -32.05
CA LYS A 62 -0.85 -10.59 -32.73
C LYS A 62 -1.97 -11.27 -33.54
N GLU A 63 -1.65 -12.37 -34.20
CA GLU A 63 -2.64 -13.09 -34.98
CA GLU A 63 -2.66 -13.07 -34.99
C GLU A 63 -3.77 -13.64 -34.10
N GLY A 64 -3.38 -14.23 -32.98
CA GLY A 64 -4.37 -14.78 -32.06
C GLY A 64 -5.32 -13.72 -31.53
N CYS A 65 -4.77 -12.57 -31.18
CA CYS A 65 -5.58 -11.43 -30.72
C CYS A 65 -6.58 -11.02 -31.80
N ALA A 66 -6.09 -10.88 -33.04
CA ALA A 66 -6.93 -10.50 -34.16
C ALA A 66 -8.07 -11.48 -34.34
N ILE A 67 -7.75 -12.77 -34.23
CA ILE A 67 -8.74 -13.82 -34.37
C ILE A 67 -9.81 -13.71 -33.28
N VAL A 68 -9.39 -13.49 -32.03
CA VAL A 68 -10.35 -13.39 -30.94
C VAL A 68 -11.20 -12.12 -31.06
N ALA A 69 -10.55 -11.01 -31.43
CA ALA A 69 -11.28 -9.76 -31.60
C ALA A 69 -12.33 -9.87 -32.70
N GLU A 70 -11.98 -10.54 -33.80
CA GLU A 70 -12.91 -10.69 -34.90
C GLU A 70 -14.06 -11.65 -34.54
N ALA A 71 -13.75 -12.70 -33.78
CA ALA A 71 -14.80 -13.62 -33.35
C ALA A 71 -15.76 -12.93 -32.38
N THR A 72 -15.22 -12.01 -31.57
CA THR A 72 -16.05 -11.22 -30.67
C THR A 72 -17.04 -10.38 -31.45
N ARG A 73 -16.55 -9.68 -32.47
CA ARG A 73 -17.41 -8.84 -33.29
C ARG A 73 -18.42 -9.66 -34.10
N GLN A 74 -18.02 -10.85 -34.55
CA GLN A 74 -18.90 -11.69 -35.37
C GLN A 74 -19.96 -12.45 -34.58
N ARG A 75 -19.58 -12.98 -33.42
CA ARG A 75 -20.47 -13.81 -32.65
C ARG A 75 -21.28 -13.02 -31.62
N LEU A 76 -20.66 -12.02 -31.01
CA LEU A 76 -21.34 -11.21 -30.00
C LEU A 76 -21.85 -9.88 -30.54
N GLY A 77 -21.19 -9.36 -31.59
CA GLY A 77 -21.59 -8.10 -32.19
C GLY A 77 -21.06 -6.91 -31.41
N GLY A 78 -20.18 -7.19 -30.46
CA GLY A 78 -19.65 -6.18 -29.56
C GLY A 78 -19.46 -6.83 -28.22
N VAL A 79 -18.89 -6.10 -27.27
CA VAL A 79 -18.64 -6.67 -25.96
C VAL A 79 -18.89 -5.66 -24.85
N ASP A 80 -19.58 -6.10 -23.81
CA ASP A 80 -19.90 -5.25 -22.66
C ASP A 80 -18.96 -5.51 -21.50
N VAL A 81 -18.47 -6.74 -21.39
CA VAL A 81 -17.58 -7.12 -20.30
C VAL A 81 -16.43 -7.92 -20.88
N ILE A 82 -15.19 -7.52 -20.60
CA ILE A 82 -14.04 -8.34 -20.93
C ILE A 82 -13.45 -8.83 -19.62
N VAL A 83 -13.36 -10.14 -19.44
CA VAL A 83 -12.68 -10.71 -18.28
C VAL A 83 -11.40 -11.39 -18.72
N HIS A 84 -10.28 -10.79 -18.36
CA HIS A 84 -8.96 -11.33 -18.71
C HIS A 84 -8.56 -12.37 -17.68
N MSE A 85 -8.52 -13.64 -18.09
CA MSE A 85 -8.15 -14.71 -17.17
C MSE A 85 -6.97 -15.53 -17.63
O MSE A 85 -6.61 -16.50 -16.97
CB MSE A 85 -9.35 -15.61 -16.88
CG MSE A 85 -10.59 -14.79 -16.49
SE MSE A 85 -11.98 -15.77 -15.58
CE MSE A 85 -11.01 -16.23 -13.95
N LEU A 86 -6.37 -15.16 -18.76
CA LEU A 86 -5.15 -15.83 -19.18
C LEU A 86 -4.01 -15.46 -18.22
N GLY A 87 -3.26 -16.46 -17.79
CA GLY A 87 -2.13 -16.22 -16.92
C GLY A 87 -1.56 -17.52 -16.42
N GLY A 88 -0.44 -17.44 -15.74
CA GLY A 88 0.19 -18.63 -15.19
C GLY A 88 1.71 -18.55 -15.29
N SER A 89 2.38 -19.45 -14.58
CA SER A 89 3.83 -19.49 -14.59
C SER A 89 4.30 -20.92 -14.83
N SER A 90 5.22 -21.10 -15.76
CA SER A 90 5.79 -22.42 -15.99
CA SER A 90 5.80 -22.40 -16.04
C SER A 90 7.29 -22.43 -15.72
N ALA A 91 7.79 -21.34 -15.13
CA ALA A 91 9.21 -21.26 -14.82
C ALA A 91 9.58 -22.26 -13.74
N ALA A 92 10.77 -22.82 -13.85
CA ALA A 92 11.28 -23.74 -12.83
C ALA A 92 11.94 -22.95 -11.70
N GLY A 93 12.45 -23.66 -10.70
CA GLY A 93 13.04 -23.02 -9.54
C GLY A 93 14.43 -22.46 -9.79
N GLY A 94 15.06 -22.04 -8.71
CA GLY A 94 16.40 -21.51 -8.76
C GLY A 94 16.53 -20.01 -8.56
N GLY A 95 15.41 -19.33 -8.30
CA GLY A 95 15.48 -17.91 -8.00
C GLY A 95 15.76 -17.03 -9.20
N PHE A 96 16.06 -15.76 -8.95
CA PHE A 96 16.10 -14.80 -10.05
C PHE A 96 17.12 -15.13 -11.11
N SER A 97 18.27 -15.69 -10.71
CA SER A 97 19.37 -15.86 -11.65
C SER A 97 19.10 -17.05 -12.58
N ALA A 98 18.10 -17.87 -12.23
CA ALA A 98 17.70 -18.99 -13.07
C ALA A 98 16.58 -18.63 -14.06
N LEU A 99 16.15 -17.37 -14.04
CA LEU A 99 15.17 -16.89 -15.01
C LEU A 99 15.87 -16.53 -16.30
N SER A 100 15.72 -17.40 -17.30
CA SER A 100 16.28 -17.14 -18.61
C SER A 100 15.44 -16.11 -19.35
N ASP A 101 15.93 -15.68 -20.50
CA ASP A 101 15.16 -14.80 -21.36
C ASP A 101 13.84 -15.47 -21.75
N ASP A 102 13.88 -16.79 -21.97
CA ASP A 102 12.66 -17.53 -22.28
C ASP A 102 11.66 -17.38 -21.14
N ASP A 103 12.12 -17.53 -19.90
CA ASP A 103 11.22 -17.38 -18.76
C ASP A 103 10.60 -15.99 -18.70
N TRP A 104 11.45 -14.96 -18.83
CA TRP A 104 10.94 -13.58 -18.76
C TRP A 104 9.95 -13.30 -19.89
N TYR A 105 10.27 -13.77 -21.09
CA TYR A 105 9.34 -13.58 -22.21
C TYR A 105 8.04 -14.30 -21.95
N ASN A 106 8.13 -15.55 -21.50
CA ASN A 106 6.91 -16.32 -21.23
C ASN A 106 6.03 -15.64 -20.19
N GLU A 107 6.64 -15.20 -19.09
CA GLU A 107 5.87 -14.59 -18.01
C GLU A 107 5.20 -13.30 -18.45
N LEU A 108 5.92 -12.45 -19.16
CA LEU A 108 5.36 -11.18 -19.60
C LEU A 108 4.33 -11.37 -20.70
N SER A 109 4.59 -12.26 -21.65
CA SER A 109 3.65 -12.49 -22.73
CA SER A 109 3.67 -12.53 -22.75
CA SER A 109 3.65 -12.51 -22.74
C SER A 109 2.33 -13.06 -22.25
N LEU A 110 2.38 -14.04 -21.34
CA LEU A 110 1.16 -14.67 -20.85
C LEU A 110 0.38 -13.81 -19.85
N ASN A 111 1.10 -13.17 -18.92
CA ASN A 111 0.43 -12.52 -17.80
C ASN A 111 0.13 -11.06 -17.97
N LEU A 112 0.84 -10.41 -18.89
CA LEU A 112 0.64 -8.99 -19.17
C LEU A 112 0.20 -8.72 -20.60
N PHE A 113 0.99 -9.19 -21.57
CA PHE A 113 0.82 -8.65 -22.90
C PHE A 113 -0.39 -9.16 -23.67
N ALA A 114 -0.85 -10.38 -23.37
CA ALA A 114 -2.06 -10.87 -24.00
C ALA A 114 -3.22 -9.92 -23.67
N ALA A 115 -3.32 -9.52 -22.41
CA ALA A 115 -4.39 -8.61 -22.00
C ALA A 115 -4.22 -7.22 -22.62
N VAL A 116 -2.99 -6.71 -22.62
CA VAL A 116 -2.71 -5.43 -23.24
C VAL A 116 -3.11 -5.40 -24.71
N ARG A 117 -2.69 -6.42 -25.48
CA ARG A 117 -3.01 -6.45 -26.89
CA ARG A 117 -3.01 -6.51 -26.90
C ARG A 117 -4.53 -6.50 -27.13
N LEU A 118 -5.23 -7.34 -26.37
CA LEU A 118 -6.67 -7.45 -26.53
CA LEU A 118 -6.68 -7.45 -26.52
C LEU A 118 -7.40 -6.17 -26.14
N ASP A 119 -6.99 -5.54 -25.04
CA ASP A 119 -7.59 -4.27 -24.64
C ASP A 119 -7.39 -3.22 -25.72
N ARG A 120 -6.21 -3.19 -26.31
CA ARG A 120 -5.92 -2.18 -27.33
C ARG A 120 -6.90 -2.28 -28.51
N GLN A 121 -7.29 -3.52 -28.84
CA GLN A 121 -8.21 -3.75 -29.93
C GLN A 121 -9.67 -3.53 -29.55
N LEU A 122 -10.04 -3.88 -28.33
CA LEU A 122 -11.48 -3.93 -28.00
C LEU A 122 -11.98 -2.78 -27.15
N VAL A 123 -11.14 -2.24 -26.28
CA VAL A 123 -11.61 -1.20 -25.39
C VAL A 123 -12.02 0.11 -26.07
N PRO A 124 -11.32 0.54 -27.14
CA PRO A 124 -11.75 1.81 -27.75
C PRO A 124 -13.20 1.78 -28.21
N ASP A 125 -13.69 0.64 -28.68
CA ASP A 125 -15.09 0.58 -29.09
C ASP A 125 -16.03 0.64 -27.90
N MSE A 126 -15.59 0.10 -26.76
CA MSE A 126 -16.38 0.17 -25.53
CA MSE A 126 -16.41 0.18 -25.56
C MSE A 126 -16.48 1.63 -25.10
O MSE A 126 -17.54 2.11 -24.70
CB MSE A 126 -15.69 -0.58 -24.40
CB MSE A 126 -15.81 -0.71 -24.47
CG MSE A 126 -15.70 -2.08 -24.46
CG MSE A 126 -15.27 -2.02 -25.01
SE MSE A 126 -14.72 -2.73 -22.89
SE MSE A 126 -14.67 -3.22 -23.60
CE MSE A 126 -16.15 -3.40 -21.83
CE MSE A 126 -16.44 -3.62 -22.98
N VAL A 127 -15.35 2.32 -25.17
CA VAL A 127 -15.28 3.74 -24.82
C VAL A 127 -16.20 4.57 -25.74
N ALA A 128 -16.17 4.26 -27.04
CA ALA A 128 -17.01 4.98 -28.00
C ALA A 128 -18.49 4.82 -27.67
N ARG A 129 -18.87 3.62 -27.24
CA ARG A 129 -20.25 3.37 -26.80
C ARG A 129 -20.54 4.07 -25.49
N GLY A 130 -19.54 4.11 -24.61
CA GLY A 130 -19.66 4.81 -23.34
C GLY A 130 -20.16 3.94 -22.22
N SER A 131 -19.96 2.63 -22.32
CA SER A 131 -20.34 1.72 -21.24
C SER A 131 -19.53 0.45 -21.33
N GLY A 132 -19.43 -0.26 -20.22
CA GLY A 132 -18.77 -1.55 -20.21
C GLY A 132 -17.89 -1.72 -18.98
N VAL A 133 -17.34 -2.92 -18.85
CA VAL A 133 -16.47 -3.26 -17.73
C VAL A 133 -15.31 -4.12 -18.23
N VAL A 134 -14.09 -3.80 -17.79
CA VAL A 134 -12.93 -4.62 -18.03
C VAL A 134 -12.43 -5.14 -16.69
N VAL A 135 -12.24 -6.46 -16.60
CA VAL A 135 -11.70 -7.07 -15.40
C VAL A 135 -10.34 -7.68 -15.72
N HIS A 136 -9.32 -7.24 -15.00
CA HIS A 136 -7.99 -7.83 -15.10
C HIS A 136 -7.76 -8.72 -13.91
N VAL A 137 -7.55 -10.01 -14.16
CA VAL A 137 -7.27 -10.92 -13.07
C VAL A 137 -5.77 -10.92 -12.82
N THR A 138 -5.38 -10.36 -11.68
CA THR A 138 -3.97 -10.20 -11.35
C THR A 138 -3.50 -11.40 -10.50
N SER A 139 -3.08 -11.17 -9.25
CA SER A 139 -2.51 -12.21 -8.38
C SER A 139 -1.95 -11.51 -7.17
N ILE A 140 -2.11 -12.12 -6.00
CA ILE A 140 -1.50 -11.51 -4.82
C ILE A 140 0.02 -11.40 -4.96
N GLN A 141 0.63 -12.16 -5.86
CA GLN A 141 2.07 -12.02 -6.05
C GLN A 141 2.47 -10.65 -6.56
N ARG A 142 1.53 -9.91 -7.14
CA ARG A 142 1.86 -8.55 -7.57
C ARG A 142 2.31 -7.69 -6.39
N VAL A 143 1.80 -7.98 -5.19
CA VAL A 143 2.22 -7.30 -3.96
C VAL A 143 3.08 -8.19 -3.06
N LEU A 144 2.90 -9.50 -3.14
CA LEU A 144 3.55 -10.46 -2.23
C LEU A 144 4.35 -11.49 -3.05
N PRO A 145 5.52 -11.08 -3.57
CA PRO A 145 6.20 -11.97 -4.52
C PRO A 145 6.89 -13.16 -3.85
N LEU A 146 6.81 -14.31 -4.52
CA LEU A 146 7.50 -15.52 -4.06
CA LEU A 146 7.51 -15.50 -4.05
C LEU A 146 8.66 -15.76 -5.02
N PRO A 147 9.89 -15.78 -4.51
CA PRO A 147 11.06 -15.71 -5.39
C PRO A 147 11.58 -17.01 -6.01
N GLU A 148 11.18 -18.19 -5.52
CA GLU A 148 11.81 -19.42 -5.99
C GLU A 148 11.66 -19.65 -7.50
N SER A 149 10.42 -19.57 -7.98
CA SER A 149 10.16 -19.74 -9.40
C SER A 149 9.31 -18.63 -9.99
N THR A 150 8.79 -17.75 -9.13
CA THR A 150 7.77 -16.79 -9.57
C THR A 150 8.19 -15.32 -9.48
N THR A 151 9.49 -15.04 -9.52
CA THR A 151 9.94 -13.65 -9.51
C THR A 151 9.44 -12.87 -10.73
N ALA A 152 9.58 -13.47 -11.92
CA ALA A 152 9.12 -12.81 -13.14
C ALA A 152 7.60 -12.81 -13.27
N TYR A 153 6.96 -13.88 -12.81
CA TYR A 153 5.51 -13.93 -12.73
C TYR A 153 4.98 -12.76 -11.89
N ALA A 154 5.56 -12.57 -10.72
CA ALA A 154 5.13 -11.50 -9.83
C ALA A 154 5.32 -10.15 -10.49
N ALA A 155 6.48 -9.96 -11.12
CA ALA A 155 6.77 -8.71 -11.78
C ALA A 155 5.77 -8.41 -12.90
N ALA A 156 5.46 -9.43 -13.72
CA ALA A 156 4.48 -9.27 -14.80
C ALA A 156 3.09 -8.92 -14.25
N LYS A 157 2.70 -9.56 -13.15
CA LYS A 157 1.42 -9.27 -12.52
C LYS A 157 1.37 -7.86 -11.94
N ALA A 158 2.50 -7.37 -11.43
CA ALA A 158 2.57 -6.01 -10.94
C ALA A 158 2.43 -5.01 -12.08
N ALA A 159 3.10 -5.28 -13.22
CA ALA A 159 2.91 -4.45 -14.42
C ALA A 159 1.44 -4.42 -14.80
N LEU A 160 0.80 -5.58 -14.82
CA LEU A 160 -0.61 -5.65 -15.20
C LEU A 160 -1.48 -4.81 -14.27
N SER A 161 -1.20 -4.89 -12.96
CA SER A 161 -2.03 -4.21 -11.98
C SER A 161 -1.94 -2.69 -12.14
N THR A 162 -0.72 -2.17 -12.32
CA THR A 162 -0.56 -0.74 -12.51
C THR A 162 -1.08 -0.26 -13.86
N TYR A 163 -0.86 -1.06 -14.91
CA TYR A 163 -1.47 -0.80 -16.21
C TYR A 163 -3.00 -0.68 -16.08
N SER A 164 -3.60 -1.59 -15.33
CA SER A 164 -5.06 -1.59 -15.18
C SER A 164 -5.53 -0.30 -14.51
N LYS A 165 -4.84 0.12 -13.46
CA LYS A 165 -5.18 1.38 -12.81
C LYS A 165 -5.00 2.58 -13.74
N ALA A 166 -3.94 2.58 -14.54
CA ALA A 166 -3.75 3.63 -15.51
C ALA A 166 -4.91 3.69 -16.48
N MSE A 167 -5.31 2.53 -17.02
CA MSE A 167 -6.42 2.52 -17.96
CA MSE A 167 -6.44 2.50 -17.94
C MSE A 167 -7.71 3.00 -17.28
O MSE A 167 -8.48 3.74 -17.90
CB MSE A 167 -6.63 1.14 -18.58
CB MSE A 167 -6.66 1.08 -18.46
CG MSE A 167 -7.60 1.16 -19.76
CG MSE A 167 -8.00 0.95 -19.16
SE MSE A 167 -7.48 -0.40 -20.92
SE MSE A 167 -8.33 -0.78 -19.93
CE MSE A 167 -8.28 -1.72 -19.74
CE MSE A 167 -7.28 -0.55 -21.56
N SER A 168 -7.92 2.62 -16.03
CA SER A 168 -9.10 3.09 -15.31
C SER A 168 -9.17 4.62 -15.24
N LYS A 169 -8.03 5.25 -14.97
CA LYS A 169 -8.01 6.71 -14.93
C LYS A 169 -8.44 7.32 -16.27
N GLU A 170 -8.04 6.67 -17.36
CA GLU A 170 -8.34 7.19 -18.69
C GLU A 170 -9.78 6.93 -19.10
N VAL A 171 -10.28 5.71 -18.86
CA VAL A 171 -11.59 5.35 -19.42
C VAL A 171 -12.77 5.39 -18.46
N SER A 172 -12.52 5.36 -17.15
CA SER A 172 -13.63 5.52 -16.20
C SER A 172 -14.47 6.79 -16.41
N PRO A 173 -13.82 7.93 -16.73
CA PRO A 173 -14.63 9.14 -16.99
C PRO A 173 -15.52 9.01 -18.22
N LYS A 174 -15.24 8.03 -19.07
CA LYS A 174 -15.95 7.85 -20.33
C LYS A 174 -16.99 6.74 -20.22
N GLY A 175 -17.13 6.18 -19.02
CA GLY A 175 -18.22 5.25 -18.75
C GLY A 175 -17.85 3.77 -18.73
N VAL A 176 -16.57 3.46 -18.91
CA VAL A 176 -16.09 2.09 -18.84
C VAL A 176 -15.38 1.86 -17.50
N ARG A 177 -15.85 0.89 -16.72
CA ARG A 177 -15.20 0.56 -15.45
C ARG A 177 -14.06 -0.41 -15.69
N VAL A 178 -13.00 -0.27 -14.90
CA VAL A 178 -11.84 -1.14 -15.05
C VAL A 178 -11.40 -1.55 -13.66
N VAL A 179 -11.49 -2.85 -13.38
CA VAL A 179 -11.22 -3.37 -12.04
C VAL A 179 -10.29 -4.56 -12.09
N ARG A 180 -9.65 -4.83 -10.97
CA ARG A 180 -8.80 -5.99 -10.83
C ARG A 180 -9.35 -6.94 -9.79
N VAL A 181 -9.24 -8.23 -10.09
CA VAL A 181 -9.48 -9.30 -9.11
C VAL A 181 -8.14 -9.98 -8.88
N SER A 182 -7.70 -10.01 -7.63
CA SER A 182 -6.38 -10.53 -7.32
C SER A 182 -6.49 -11.78 -6.44
N PRO A 183 -6.36 -12.96 -7.05
CA PRO A 183 -6.53 -14.19 -6.29
C PRO A 183 -5.23 -14.59 -5.59
N GLY A 184 -5.39 -15.26 -4.45
CA GLY A 184 -4.31 -16.06 -3.89
C GLY A 184 -4.30 -17.41 -4.56
N TRP A 185 -3.82 -18.41 -3.84
CA TRP A 185 -3.81 -19.78 -4.35
C TRP A 185 -5.25 -20.21 -4.67
N ILE A 186 -5.46 -20.67 -5.90
CA ILE A 186 -6.73 -21.24 -6.32
C ILE A 186 -6.56 -22.75 -6.48
N GLU A 187 -7.50 -23.51 -5.92
CA GLU A 187 -7.52 -24.95 -6.06
C GLU A 187 -7.85 -25.38 -7.48
N THR A 188 -6.86 -25.92 -8.18
CA THR A 188 -7.03 -26.38 -9.56
C THR A 188 -6.34 -27.72 -9.73
N GLU A 189 -6.59 -28.38 -10.86
CA GLU A 189 -5.88 -29.61 -11.15
C GLU A 189 -4.37 -29.37 -11.18
N ALA A 190 -3.98 -28.20 -11.69
CA ALA A 190 -2.57 -27.86 -11.79
C ALA A 190 -1.93 -27.71 -10.41
N SER A 191 -2.64 -27.13 -9.45
CA SER A 191 -2.05 -26.97 -8.12
CA SER A 191 -2.11 -26.96 -8.10
C SER A 191 -2.09 -28.28 -7.32
N VAL A 192 -3.01 -29.17 -7.65
CA VAL A 192 -2.96 -30.52 -7.06
C VAL A 192 -1.69 -31.20 -7.53
N ARG A 193 -1.41 -31.09 -8.83
CA ARG A 193 -0.17 -31.62 -9.39
C ARG A 193 1.06 -31.02 -8.69
N LEU A 194 1.03 -29.71 -8.46
CA LEU A 194 2.12 -29.04 -7.76
C LEU A 194 2.29 -29.57 -6.34
N ALA A 195 1.18 -29.70 -5.61
CA ALA A 195 1.22 -30.25 -4.27
C ALA A 195 1.81 -31.65 -4.25
N GLU A 196 1.45 -32.46 -5.24
CA GLU A 196 1.99 -33.81 -5.36
C GLU A 196 3.49 -33.80 -5.66
N ARG A 197 3.93 -32.89 -6.52
CA ARG A 197 5.36 -32.75 -6.83
C ARG A 197 6.14 -32.40 -5.56
N LEU A 198 5.71 -31.34 -4.89
CA LEU A 198 6.34 -30.91 -3.64
C LEU A 198 6.33 -31.99 -2.57
N ALA A 199 5.21 -32.70 -2.48
CA ALA A 199 5.08 -33.79 -1.51
C ALA A 199 6.16 -34.86 -1.74
N LYS A 200 6.37 -35.20 -3.00
CA LYS A 200 7.35 -36.21 -3.38
C LYS A 200 8.77 -35.81 -3.00
N GLN A 201 9.15 -34.57 -3.34
CA GLN A 201 10.51 -34.11 -3.09
C GLN A 201 10.79 -33.89 -1.60
N ALA A 202 9.73 -33.77 -0.82
CA ALA A 202 9.88 -33.57 0.62
C ALA A 202 9.56 -34.86 1.39
N GLY A 203 9.23 -35.90 0.65
CA GLY A 203 8.94 -37.20 1.25
C GLY A 203 7.70 -37.19 2.14
N THR A 204 6.69 -36.44 1.72
CA THR A 204 5.43 -36.39 2.48
C THR A 204 4.26 -36.71 1.55
N ASP A 205 3.04 -36.52 2.04
CA ASP A 205 1.85 -36.81 1.25
C ASP A 205 1.19 -35.55 0.68
N LEU A 206 0.03 -35.72 0.09
CA LEU A 206 -0.69 -34.61 -0.55
C LEU A 206 -0.98 -33.47 0.42
N GLU A 207 -1.46 -33.80 1.62
CA GLU A 207 -1.74 -32.80 2.63
C GLU A 207 -0.47 -32.10 3.08
N GLY A 208 0.62 -32.85 3.10
CA GLY A 208 1.93 -32.27 3.38
C GLY A 208 2.36 -31.31 2.29
N GLY A 209 2.07 -31.66 1.03
CA GLY A 209 2.38 -30.81 -0.09
C GLY A 209 1.56 -29.53 -0.03
N LYS A 210 0.28 -29.67 0.32
CA LYS A 210 -0.58 -28.52 0.52
C LYS A 210 -0.02 -27.60 1.61
N LYS A 211 0.43 -28.20 2.71
CA LYS A 211 1.01 -27.43 3.80
C LYS A 211 2.26 -26.67 3.35
N ILE A 212 3.06 -27.32 2.51
CA ILE A 212 4.27 -26.69 1.97
C ILE A 212 3.94 -25.45 1.13
N ILE A 213 2.91 -25.56 0.30
CA ILE A 213 2.47 -24.40 -0.47
C ILE A 213 1.95 -23.29 0.46
N MSE A 214 1.07 -23.63 1.39
CA MSE A 214 0.51 -22.64 2.31
CA MSE A 214 0.51 -22.60 2.25
C MSE A 214 1.59 -21.94 3.12
O MSE A 214 1.57 -20.73 3.29
CB MSE A 214 -0.52 -23.28 3.26
CB MSE A 214 -0.67 -23.15 3.07
CG MSE A 214 -1.93 -23.44 2.69
CG MSE A 214 -1.86 -23.56 2.20
SE MSE A 214 -3.33 -23.65 4.06
SE MSE A 214 -3.54 -23.87 3.17
CE MSE A 214 -2.61 -25.18 5.01
CE MSE A 214 -2.96 -25.35 4.29
N ASP A 215 2.53 -22.73 3.64
CA ASP A 215 3.64 -22.15 4.40
C ASP A 215 4.51 -21.24 3.51
N GLY A 216 4.68 -21.63 2.25
CA GLY A 216 5.44 -20.84 1.30
C GLY A 216 4.84 -19.47 1.05
N LEU A 217 3.52 -19.38 1.23
CA LEU A 217 2.80 -18.12 1.09
C LEU A 217 2.81 -17.28 2.37
N GLY A 218 3.32 -17.84 3.46
CA GLY A 218 3.25 -17.19 4.76
C GLY A 218 2.03 -17.60 5.57
N GLY A 219 1.32 -18.59 5.06
CA GLY A 219 0.11 -19.08 5.70
C GLY A 219 -1.14 -18.45 5.12
N ILE A 220 -2.23 -19.22 5.11
CA ILE A 220 -3.54 -18.70 4.70
C ILE A 220 -4.43 -18.72 5.93
N PRO A 221 -4.77 -17.55 6.48
CA PRO A 221 -5.63 -17.53 7.67
C PRO A 221 -6.91 -18.38 7.54
N LEU A 222 -7.59 -18.31 6.40
CA LEU A 222 -8.78 -19.12 6.18
C LEU A 222 -8.48 -20.62 6.22
N GLY A 223 -7.25 -20.99 5.87
CA GLY A 223 -6.80 -22.37 6.00
C GLY A 223 -6.97 -23.22 4.76
N ARG A 224 -7.32 -22.60 3.64
CA ARG A 224 -7.54 -23.33 2.39
C ARG A 224 -7.41 -22.39 1.21
N PRO A 225 -7.09 -22.93 0.02
CA PRO A 225 -7.09 -22.09 -1.19
C PRO A 225 -8.52 -21.68 -1.59
N ALA A 226 -8.63 -20.72 -2.50
CA ALA A 226 -9.93 -20.33 -3.04
C ALA A 226 -10.39 -21.35 -4.06
N LYS A 227 -11.69 -21.55 -4.17
CA LYS A 227 -12.23 -22.42 -5.20
C LYS A 227 -12.48 -21.62 -6.48
N PRO A 228 -12.35 -22.28 -7.64
CA PRO A 228 -12.63 -21.60 -8.91
C PRO A 228 -13.97 -20.85 -8.86
N GLU A 229 -14.98 -21.48 -8.28
CA GLU A 229 -16.31 -20.86 -8.22
C GLU A 229 -16.32 -19.59 -7.38
N GLU A 230 -15.46 -19.55 -6.38
CA GLU A 230 -15.35 -18.38 -5.52
C GLU A 230 -14.75 -17.19 -6.26
N VAL A 231 -13.75 -17.45 -7.09
CA VAL A 231 -13.20 -16.41 -7.93
C VAL A 231 -14.28 -15.94 -8.92
N ALA A 232 -14.99 -16.87 -9.54
CA ALA A 232 -16.09 -16.54 -10.44
C ALA A 232 -17.14 -15.65 -9.77
N ASN A 233 -17.50 -15.96 -8.52
CA ASN A 233 -18.52 -15.17 -7.79
C ASN A 233 -18.17 -13.69 -7.74
N LEU A 234 -16.90 -13.42 -7.41
CA LEU A 234 -16.40 -12.07 -7.27
C LEU A 234 -16.35 -11.35 -8.62
N ILE A 235 -15.88 -12.04 -9.66
CA ILE A 235 -15.84 -11.46 -11.00
C ILE A 235 -17.26 -11.12 -11.48
N ALA A 236 -18.20 -12.03 -11.24
CA ALA A 236 -19.60 -11.78 -11.63
C ALA A 236 -20.17 -10.55 -10.90
N PHE A 237 -19.92 -10.45 -9.60
CA PHE A 237 -20.39 -9.27 -8.87
C PHE A 237 -19.83 -7.99 -9.48
N LEU A 238 -18.52 -7.97 -9.72
CA LEU A 238 -17.89 -6.77 -10.25
C LEU A 238 -18.36 -6.40 -11.67
N ALA A 239 -18.72 -7.40 -12.47
CA ALA A 239 -19.19 -7.17 -13.83
C ALA A 239 -20.63 -6.68 -13.87
N SER A 240 -21.36 -6.89 -12.77
CA SER A 240 -22.79 -6.62 -12.72
C SER A 240 -23.10 -5.15 -12.44
N ASP A 241 -24.35 -4.77 -12.65
CA ASP A 241 -24.81 -3.42 -12.38
C ASP A 241 -24.85 -3.12 -10.88
N ARG A 242 -24.71 -4.14 -10.05
CA ARG A 242 -24.62 -3.92 -8.59
C ARG A 242 -23.28 -3.31 -8.16
N ALA A 243 -22.33 -3.23 -9.10
CA ALA A 243 -20.98 -2.72 -8.85
C ALA A 243 -20.70 -1.43 -9.63
N ALA A 244 -21.75 -0.68 -9.96
CA ALA A 244 -21.61 0.49 -10.83
C ALA A 244 -20.70 1.61 -10.32
N SER A 245 -20.44 1.68 -9.01
CA SER A 245 -19.57 2.71 -8.45
C SER A 245 -18.16 2.20 -8.18
N ILE A 246 -17.87 0.95 -8.57
CA ILE A 246 -16.58 0.36 -8.29
C ILE A 246 -15.73 0.37 -9.55
N THR A 247 -14.68 1.17 -9.53
CA THR A 247 -13.74 1.22 -10.65
C THR A 247 -12.36 1.60 -10.11
N GLY A 248 -11.31 1.22 -10.83
CA GLY A 248 -9.96 1.60 -10.45
C GLY A 248 -9.50 1.00 -9.14
N ALA A 249 -9.97 -0.20 -8.83
CA ALA A 249 -9.68 -0.84 -7.56
C ALA A 249 -9.29 -2.29 -7.79
N GLU A 250 -8.56 -2.86 -6.83
CA GLU A 250 -8.19 -4.27 -6.86
C GLU A 250 -8.83 -4.96 -5.67
N TYR A 251 -9.59 -6.01 -5.95
CA TYR A 251 -10.30 -6.75 -4.92
C TYR A 251 -9.62 -8.10 -4.76
N THR A 252 -9.07 -8.31 -3.56
CA THR A 252 -8.25 -9.50 -3.29
C THR A 252 -9.10 -10.63 -2.76
N ILE A 253 -8.89 -11.82 -3.32
CA ILE A 253 -9.58 -13.03 -2.86
C ILE A 253 -8.55 -14.10 -2.54
N ASP A 254 -8.16 -14.15 -1.27
CA ASP A 254 -6.98 -14.93 -0.90
C ASP A 254 -7.08 -15.55 0.49
N GLY A 255 -8.26 -15.56 1.09
CA GLY A 255 -8.38 -16.16 2.41
C GLY A 255 -7.56 -15.46 3.50
N GLY A 256 -7.17 -14.22 3.24
CA GLY A 256 -6.37 -13.43 4.18
C GLY A 256 -4.88 -13.51 4.00
N THR A 257 -4.41 -14.22 2.96
CA THR A 257 -2.98 -14.47 2.81
C THR A 257 -2.10 -13.22 2.91
N VAL A 258 -2.41 -12.20 2.11
CA VAL A 258 -1.62 -10.97 2.16
C VAL A 258 -1.74 -10.38 3.58
N PRO A 259 -0.62 -10.26 4.31
CA PRO A 259 -0.74 -10.04 5.76
C PRO A 259 -0.74 -8.58 6.16
N THR A 260 -0.76 -7.68 5.20
CA THR A 260 -0.76 -6.27 5.49
C THR A 260 -2.18 -5.70 5.40
N ALA A 261 -2.44 -4.65 6.17
CA ALA A 261 -3.75 -3.99 6.18
C ALA A 261 -3.99 -3.29 4.85
N SER B 1 44.06 17.30 0.34
CA SER B 1 43.11 16.28 0.79
C SER B 1 42.33 16.78 1.98
N MSE B 2 41.12 16.26 2.14
CA MSE B 2 40.30 16.64 3.28
C MSE B 2 39.30 15.55 3.60
O MSE B 2 38.92 14.77 2.73
CB MSE B 2 39.59 17.95 3.01
CG MSE B 2 38.47 17.88 1.99
SE MSE B 2 37.68 19.63 1.64
CE MSE B 2 37.45 20.24 3.47
N MSE B 3 38.88 15.48 4.86
CA MSE B 3 37.91 14.49 5.27
CA MSE B 3 37.90 14.49 5.26
C MSE B 3 36.53 14.86 4.75
O MSE B 3 36.26 16.04 4.46
CB MSE B 3 37.90 14.35 6.79
CB MSE B 3 37.89 14.32 6.77
CG MSE B 3 39.27 14.02 7.37
CG MSE B 3 39.16 13.66 7.28
SE MSE B 3 40.04 12.34 6.73
SE MSE B 3 39.19 13.36 9.19
CE MSE B 3 41.14 12.98 5.25
CE MSE B 3 37.88 11.92 9.29
N ILE B 4 35.67 13.86 4.62
CA ILE B 4 34.34 14.08 4.08
C ILE B 4 33.36 14.65 5.09
N GLU B 5 32.71 15.73 4.70
CA GLU B 5 31.68 16.35 5.52
C GLU B 5 30.35 16.24 4.77
N PHE B 6 29.68 15.10 4.91
CA PHE B 6 28.46 14.86 4.14
C PHE B 6 27.25 15.35 4.90
N LEU B 7 27.14 14.93 6.15
CA LEU B 7 25.93 15.17 6.89
C LEU B 7 26.24 15.60 8.31
N ASN B 8 25.61 16.69 8.72
CA ASN B 8 25.63 17.08 10.12
C ASN B 8 24.32 17.75 10.47
N LEU B 9 24.16 18.10 11.75
CA LEU B 9 22.95 18.78 12.20
C LEU B 9 23.31 20.08 12.91
N ARG B 10 24.44 20.68 12.52
CA ARG B 10 24.90 21.92 13.14
C ARG B 10 23.83 22.99 12.99
N GLY B 11 23.60 23.74 14.05
CA GLY B 11 22.60 24.80 14.01
C GLY B 11 21.16 24.37 14.24
N LYS B 12 20.91 23.06 14.28
CA LYS B 12 19.55 22.58 14.51
C LYS B 12 19.25 22.36 15.99
N ARG B 13 18.06 22.78 16.39
CA ARG B 13 17.56 22.57 17.75
C ARG B 13 16.55 21.43 17.68
N ALA B 14 16.79 20.38 18.44
CA ALA B 14 15.99 19.16 18.32
C ALA B 14 15.41 18.74 19.66
N LEU B 15 14.10 18.49 19.66
CA LEU B 15 13.43 17.84 20.77
C LEU B 15 13.22 16.39 20.38
N ILE B 16 13.79 15.47 21.17
CA ILE B 16 13.64 14.06 20.90
C ILE B 16 12.96 13.45 22.12
N THR B 17 11.75 12.93 21.95
CA THR B 17 11.06 12.42 23.13
C THR B 17 11.53 11.01 23.48
N ALA B 18 11.47 10.69 24.77
CA ALA B 18 11.72 9.34 25.28
C ALA B 18 13.14 8.88 24.95
N GLY B 19 14.11 9.66 25.38
CA GLY B 19 15.51 9.39 25.05
C GLY B 19 16.36 8.68 26.07
N THR B 20 15.76 7.98 27.03
CA THR B 20 16.53 7.33 28.11
C THR B 20 17.16 6.02 27.69
N LYS B 21 16.50 5.27 26.80
CA LYS B 21 17.05 3.98 26.40
C LYS B 21 16.77 3.67 24.95
N GLY B 22 17.27 2.53 24.51
CA GLY B 22 16.97 2.00 23.19
C GLY B 22 17.30 2.95 22.07
N ALA B 23 16.45 2.96 21.05
CA ALA B 23 16.66 3.84 19.91
C ALA B 23 16.56 5.31 20.30
N GLY B 24 15.77 5.63 21.33
CA GLY B 24 15.68 7.01 21.79
C GLY B 24 17.04 7.51 22.27
N ALA B 25 17.68 6.75 23.14
CA ALA B 25 19.02 7.12 23.62
C ALA B 25 20.03 7.19 22.47
N ALA B 26 19.96 6.25 21.54
CA ALA B 26 20.91 6.23 20.43
C ALA B 26 20.69 7.48 19.56
N THR B 27 19.45 7.92 19.43
CA THR B 27 19.16 9.08 18.59
C THR B 27 19.61 10.38 19.27
N VAL B 28 19.41 10.48 20.57
CA VAL B 28 19.93 11.62 21.34
C VAL B 28 21.45 11.71 21.18
N SER B 29 22.12 10.57 21.36
CA SER B 29 23.58 10.52 21.26
CA SER B 29 23.57 10.54 21.27
C SER B 29 24.06 10.96 19.88
N LEU B 30 23.47 10.38 18.84
CA LEU B 30 23.88 10.71 17.48
C LEU B 30 23.59 12.17 17.13
N PHE B 31 22.43 12.69 17.55
CA PHE B 31 22.13 14.09 17.25
C PHE B 31 23.16 15.01 17.91
N LEU B 32 23.53 14.73 19.15
CA LEU B 32 24.56 15.52 19.81
C LEU B 32 25.90 15.43 19.06
N GLU B 33 26.24 14.22 18.62
CA GLU B 33 27.48 13.97 17.89
CA GLU B 33 27.49 14.00 17.91
C GLU B 33 27.51 14.71 16.56
N LEU B 34 26.34 14.87 15.96
CA LEU B 34 26.23 15.57 14.67
C LEU B 34 26.09 17.09 14.83
N GLY B 35 26.19 17.59 16.06
CA GLY B 35 26.23 19.03 16.28
C GLY B 35 24.93 19.70 16.62
N ALA B 36 23.86 18.94 16.84
CA ALA B 36 22.57 19.53 17.18
C ALA B 36 22.53 19.99 18.64
N GLN B 37 21.65 20.95 18.89
CA GLN B 37 21.28 21.31 20.25
CA GLN B 37 21.27 21.32 20.25
C GLN B 37 20.08 20.44 20.60
N VAL B 38 20.20 19.65 21.67
CA VAL B 38 19.19 18.62 21.94
C VAL B 38 18.55 18.78 23.32
N LEU B 39 17.23 18.56 23.38
CA LEU B 39 16.50 18.35 24.61
C LEU B 39 15.75 17.03 24.47
N THR B 40 15.74 16.22 25.53
CA THR B 40 14.99 14.98 25.49
C THR B 40 14.13 14.87 26.75
N THR B 41 13.30 13.82 26.82
CA THR B 41 12.32 13.68 27.89
C THR B 41 12.42 12.30 28.53
N ALA B 42 11.94 12.22 29.77
CA ALA B 42 11.93 10.97 30.52
C ALA B 42 10.80 11.06 31.53
N ARG B 43 10.10 9.95 31.71
CA ARG B 43 9.05 9.88 32.72
C ARG B 43 9.72 9.76 34.08
N ALA B 44 10.82 9.02 34.10
CA ALA B 44 11.67 8.90 35.28
C ALA B 44 13.12 9.10 34.84
N ARG B 45 13.87 9.87 35.62
CA ARG B 45 15.22 10.28 35.22
C ARG B 45 16.29 9.24 35.47
N PRO B 46 17.11 8.95 34.44
CA PRO B 46 18.35 8.19 34.64
C PRO B 46 19.36 9.02 35.42
N GLU B 47 20.10 8.36 36.29
CA GLU B 47 20.93 9.01 37.30
C GLU B 47 22.13 9.81 36.77
N GLY B 48 22.83 9.25 35.80
CA GLY B 48 24.13 9.80 35.38
C GLY B 48 24.11 11.10 34.60
N LEU B 49 23.31 11.14 33.53
CA LEU B 49 23.31 12.25 32.58
C LEU B 49 22.78 13.58 33.17
N PRO B 50 23.21 14.71 32.59
CA PRO B 50 22.90 16.03 33.16
C PRO B 50 21.42 16.40 33.17
N GLU B 51 21.07 17.34 34.06
CA GLU B 51 19.70 17.81 34.21
C GLU B 51 19.25 18.65 33.01
N GLU B 52 20.20 19.36 32.39
CA GLU B 52 19.86 20.24 31.29
C GLU B 52 19.36 19.47 30.06
N LEU B 53 19.88 18.26 29.89
CA LEU B 53 19.58 17.46 28.69
C LEU B 53 18.19 16.83 28.72
N PHE B 54 17.70 16.52 29.91
CA PHE B 54 16.39 15.87 30.02
C PHE B 54 15.41 16.77 30.74
N VAL B 55 14.16 16.71 30.31
CA VAL B 55 13.06 17.25 31.09
C VAL B 55 12.22 16.07 31.56
N GLU B 56 11.89 16.05 32.86
CA GLU B 56 11.08 14.97 33.41
C GLU B 56 9.60 15.32 33.31
N ALA B 57 8.85 14.45 32.67
CA ALA B 57 7.44 14.71 32.40
C ALA B 57 6.74 13.45 31.89
N ASP B 58 5.44 13.38 32.12
CA ASP B 58 4.61 12.34 31.54
C ASP B 58 3.93 12.92 30.30
N LEU B 59 4.46 12.61 29.12
CA LEU B 59 3.93 13.14 27.88
C LEU B 59 2.51 12.65 27.56
N THR B 60 2.05 11.64 28.29
CA THR B 60 0.69 11.15 28.12
C THR B 60 -0.35 11.97 28.89
N THR B 61 0.03 13.15 29.38
CA THR B 61 -0.92 14.05 30.03
C THR B 61 -0.78 15.46 29.47
N LYS B 62 -1.82 16.26 29.61
CA LYS B 62 -1.78 17.66 29.23
C LYS B 62 -0.70 18.41 30.02
N GLU B 63 -0.62 18.10 31.31
CA GLU B 63 0.40 18.68 32.18
C GLU B 63 1.81 18.40 31.69
N GLY B 64 2.08 17.13 31.38
CA GLY B 64 3.40 16.72 30.92
C GLY B 64 3.80 17.39 29.61
N CYS B 65 2.86 17.46 28.67
CA CYS B 65 3.08 18.15 27.41
C CYS B 65 3.45 19.61 27.63
N ALA B 66 2.70 20.28 28.51
CA ALA B 66 2.95 21.69 28.80
C ALA B 66 4.35 21.88 29.38
N ILE B 67 4.76 20.98 30.26
CA ILE B 67 6.09 21.04 30.86
C ILE B 67 7.16 20.91 29.78
N VAL B 68 6.98 19.96 28.88
CA VAL B 68 7.98 19.74 27.84
C VAL B 68 8.01 20.89 26.85
N ALA B 69 6.84 21.39 26.46
CA ALA B 69 6.78 22.53 25.55
C ALA B 69 7.43 23.77 26.15
N GLU B 70 7.15 24.05 27.42
CA GLU B 70 7.78 25.18 28.09
C GLU B 70 9.30 25.02 28.17
N ALA B 71 9.75 23.81 28.48
CA ALA B 71 11.19 23.55 28.56
C ALA B 71 11.86 23.73 27.21
N THR B 72 11.17 23.33 26.15
CA THR B 72 11.69 23.52 24.79
C THR B 72 11.88 25.01 24.51
N ARG B 73 10.85 25.79 24.81
CA ARG B 73 10.92 27.23 24.59
C ARG B 73 12.01 27.87 25.44
N GLN B 74 12.11 27.46 26.71
CA GLN B 74 13.06 28.07 27.63
C GLN B 74 14.51 27.68 27.36
N ARG B 75 14.75 26.41 27.04
CA ARG B 75 16.11 25.90 26.90
C ARG B 75 16.63 26.02 25.48
N LEU B 76 15.78 25.73 24.49
CA LEU B 76 16.20 25.78 23.10
C LEU B 76 15.83 27.07 22.38
N GLY B 77 14.78 27.75 22.84
CA GLY B 77 14.38 29.01 22.26
C GLY B 77 13.49 28.84 21.04
N GLY B 78 13.32 27.59 20.63
CA GLY B 78 12.54 27.24 19.47
C GLY B 78 12.93 25.83 19.13
N VAL B 79 12.35 25.28 18.08
CA VAL B 79 12.71 23.92 17.72
C VAL B 79 12.67 23.77 16.21
N ASP B 80 13.72 23.16 15.67
CA ASP B 80 13.85 22.91 14.24
C ASP B 80 13.46 21.50 13.88
N VAL B 81 13.62 20.57 14.82
CA VAL B 81 13.35 19.16 14.57
C VAL B 81 12.65 18.60 15.79
N ILE B 82 11.48 17.98 15.60
CA ILE B 82 10.86 17.19 16.65
C ILE B 82 10.92 15.73 16.22
N VAL B 83 11.55 14.90 17.04
CA VAL B 83 11.53 13.45 16.81
C VAL B 83 10.70 12.78 17.90
N HIS B 84 9.56 12.24 17.50
CA HIS B 84 8.67 11.56 18.45
C HIS B 84 9.08 10.11 18.58
N MSE B 85 9.58 9.72 19.75
CA MSE B 85 10.04 8.35 19.94
C MSE B 85 9.35 7.64 21.11
O MSE B 85 9.70 6.50 21.44
CB MSE B 85 11.56 8.29 20.09
CG MSE B 85 12.25 9.04 18.96
SE MSE B 85 14.12 8.65 18.75
CE MSE B 85 13.97 6.78 18.18
N LEU B 86 8.40 8.32 21.74
CA LEU B 86 7.61 7.66 22.77
C LEU B 86 6.69 6.63 22.14
N GLY B 87 6.70 5.41 22.68
CA GLY B 87 5.82 4.37 22.22
C GLY B 87 6.06 3.09 22.99
N GLY B 88 5.20 2.11 22.76
CA GLY B 88 5.40 0.80 23.34
C GLY B 88 4.08 0.14 23.64
N SER B 89 4.14 -1.12 24.02
CA SER B 89 2.93 -1.88 24.33
C SER B 89 3.08 -2.64 25.62
N SER B 90 2.11 -2.49 26.53
CA SER B 90 2.15 -3.23 27.79
CA SER B 90 2.15 -3.23 27.79
C SER B 90 0.98 -4.19 27.92
N ALA B 91 0.17 -4.31 26.88
CA ALA B 91 -0.98 -5.21 26.93
C ALA B 91 -0.53 -6.67 26.94
N ALA B 92 -1.27 -7.48 27.69
CA ALA B 92 -1.02 -8.91 27.72
C ALA B 92 -1.64 -9.59 26.51
N GLY B 93 -1.46 -10.90 26.43
CA GLY B 93 -1.96 -11.67 25.32
C GLY B 93 -3.44 -11.93 25.41
N GLY B 94 -3.94 -12.81 24.55
CA GLY B 94 -5.33 -13.17 24.55
C GLY B 94 -6.13 -12.59 23.39
N GLY B 95 -5.48 -11.82 22.50
CA GLY B 95 -6.13 -11.32 21.31
C GLY B 95 -7.08 -10.15 21.59
N PHE B 96 -7.90 -9.81 20.61
CA PHE B 96 -8.70 -8.58 20.68
C PHE B 96 -9.66 -8.58 21.87
N SER B 97 -10.20 -9.74 22.23
CA SER B 97 -11.23 -9.78 23.27
C SER B 97 -10.62 -9.58 24.65
N ALA B 98 -9.30 -9.71 24.74
CA ALA B 98 -8.58 -9.50 26.00
C ALA B 98 -8.03 -8.09 26.15
N LEU B 99 -8.41 -7.19 25.25
CA LEU B 99 -8.03 -5.79 25.40
C LEU B 99 -9.10 -5.06 26.19
N SER B 100 -8.77 -4.68 27.41
CA SER B 100 -9.67 -3.91 28.25
C SER B 100 -9.67 -2.47 27.80
N ASP B 101 -10.62 -1.69 28.31
CA ASP B 101 -10.57 -0.24 28.07
C ASP B 101 -9.27 0.35 28.59
N ASP B 102 -8.79 -0.13 29.73
CA ASP B 102 -7.47 0.31 30.21
C ASP B 102 -6.37 0.05 29.17
N ASP B 103 -6.37 -1.15 28.57
CA ASP B 103 -5.37 -1.47 27.54
C ASP B 103 -5.50 -0.53 26.36
N TRP B 104 -6.72 -0.31 25.87
CA TRP B 104 -6.89 0.57 24.72
C TRP B 104 -6.44 1.99 25.03
N TYR B 105 -6.80 2.47 26.22
CA TYR B 105 -6.40 3.82 26.59
C TYR B 105 -4.88 3.93 26.67
N ASN B 106 -4.24 2.94 27.29
CA ASN B 106 -2.78 2.94 27.41
CA ASN B 106 -2.80 3.00 27.41
C ASN B 106 -2.12 2.98 26.04
N GLU B 107 -2.60 2.12 25.15
CA GLU B 107 -2.00 2.02 23.82
C GLU B 107 -2.16 3.31 23.01
N LEU B 108 -3.36 3.89 23.04
CA LEU B 108 -3.59 5.11 22.29
C LEU B 108 -2.86 6.29 22.91
N SER B 109 -2.85 6.37 24.24
CA SER B 109 -2.19 7.50 24.91
CA SER B 109 -2.19 7.48 24.93
CA SER B 109 -2.19 7.49 24.93
C SER B 109 -0.68 7.50 24.66
N LEU B 110 -0.05 6.36 24.76
CA LEU B 110 1.39 6.29 24.59
C LEU B 110 1.84 6.41 23.14
N ASN B 111 1.12 5.77 22.22
CA ASN B 111 1.60 5.63 20.85
C ASN B 111 1.08 6.66 19.88
N LEU B 112 -0.03 7.30 20.23
CA LEU B 112 -0.62 8.34 19.40
C LEU B 112 -0.75 9.69 20.10
N PHE B 113 -1.38 9.69 21.28
N PHE B 113 -1.34 9.72 21.28
CA PHE B 113 -1.84 10.93 21.91
CA PHE B 113 -1.78 11.03 21.75
C PHE B 113 -0.68 11.86 22.26
C PHE B 113 -0.69 11.90 22.37
N ALA B 114 0.39 11.29 22.83
CA ALA B 114 1.51 12.09 23.29
C ALA B 114 2.06 12.91 22.13
N ALA B 115 2.23 12.27 20.97
CA ALA B 115 2.70 12.96 19.78
C ALA B 115 1.72 14.05 19.33
N VAL B 116 0.43 13.72 19.33
CA VAL B 116 -0.60 14.66 18.94
C VAL B 116 -0.58 15.91 19.82
N ARG B 117 -0.51 15.75 21.14
CA ARG B 117 -0.50 16.90 22.04
C ARG B 117 0.71 17.78 21.80
N LEU B 118 1.88 17.16 21.65
CA LEU B 118 3.10 17.92 21.52
CA LEU B 118 3.11 17.92 21.51
C LEU B 118 3.13 18.68 20.18
N ASP B 119 2.69 18.01 19.10
CA ASP B 119 2.65 18.67 17.79
C ASP B 119 1.72 19.87 17.84
N ARG B 120 0.57 19.71 18.50
CA ARG B 120 -0.40 20.78 18.53
C ARG B 120 0.19 22.02 19.24
N GLN B 121 1.06 21.80 20.24
CA GLN B 121 1.72 22.91 20.92
C GLN B 121 2.83 23.53 20.10
N LEU B 122 3.65 22.70 19.47
CA LEU B 122 4.95 23.16 18.94
C LEU B 122 5.00 23.37 17.43
N VAL B 123 4.24 22.60 16.67
CA VAL B 123 4.32 22.71 15.22
C VAL B 123 3.85 24.07 14.67
N PRO B 124 2.79 24.67 15.24
CA PRO B 124 2.39 25.98 14.68
C PRO B 124 3.51 27.01 14.66
N ASP B 125 4.40 27.02 15.66
CA ASP B 125 5.51 27.96 15.63
C ASP B 125 6.50 27.65 14.50
N MSE B 126 6.70 26.37 14.22
CA MSE B 126 7.56 25.92 13.14
CA MSE B 126 7.59 25.98 13.15
C MSE B 126 6.99 26.40 11.80
O MSE B 126 7.71 26.91 10.94
CB MSE B 126 7.69 24.39 13.16
CB MSE B 126 7.93 24.48 13.22
CG MSE B 126 8.20 23.86 14.49
CG MSE B 126 8.73 24.11 14.47
SE MSE B 126 8.27 21.94 14.66
SE MSE B 126 9.76 22.47 14.21
CE MSE B 126 9.63 21.56 13.31
CE MSE B 126 8.27 21.55 13.47
N VAL B 127 5.68 26.23 11.65
CA VAL B 127 4.98 26.68 10.45
C VAL B 127 5.08 28.19 10.28
N ALA B 128 4.93 28.95 11.37
CA ALA B 128 5.06 30.40 11.31
C ALA B 128 6.46 30.82 10.84
N ARG B 129 7.47 30.12 11.30
CA ARG B 129 8.84 30.38 10.88
C ARG B 129 9.06 29.97 9.42
N GLY B 130 8.43 28.87 9.02
CA GLY B 130 8.53 28.40 7.65
C GLY B 130 9.62 27.38 7.40
N SER B 131 10.07 26.71 8.47
CA SER B 131 11.09 25.68 8.32
C SER B 131 11.00 24.69 9.46
N GLY B 132 11.53 23.49 9.23
CA GLY B 132 11.59 22.48 10.27
C GLY B 132 11.21 21.10 9.77
N VAL B 133 11.40 20.12 10.64
CA VAL B 133 11.12 18.72 10.34
CA VAL B 133 11.02 18.76 10.32
C VAL B 133 10.46 18.06 11.55
N VAL B 134 9.38 17.31 11.32
CA VAL B 134 8.78 16.49 12.35
C VAL B 134 8.93 15.04 11.92
N VAL B 135 9.44 14.20 12.82
CA VAL B 135 9.58 12.77 12.57
C VAL B 135 8.68 12.01 13.52
N HIS B 136 7.74 11.26 12.96
CA HIS B 136 6.91 10.36 13.76
C HIS B 136 7.47 8.96 13.66
N VAL B 137 7.88 8.38 14.76
CA VAL B 137 8.34 6.99 14.72
C VAL B 137 7.14 6.07 14.92
N THR B 138 6.79 5.38 13.84
CA THR B 138 5.62 4.52 13.83
C THR B 138 6.03 3.08 14.20
N SER B 139 5.84 2.12 13.28
CA SER B 139 6.10 0.69 13.53
C SER B 139 5.57 -0.08 12.37
N ILE B 140 6.27 -1.13 11.97
CA ILE B 140 5.73 -1.96 10.90
C ILE B 140 4.38 -2.56 11.25
N GLN B 141 4.04 -2.65 12.54
CA GLN B 141 2.72 -3.17 12.90
C GLN B 141 1.58 -2.30 12.37
N ARG B 142 1.87 -1.05 12.03
CA ARG B 142 0.80 -0.20 11.48
C ARG B 142 0.27 -0.76 10.16
N VAL B 143 1.13 -1.48 9.42
CA VAL B 143 0.72 -2.20 8.22
C VAL B 143 0.64 -3.70 8.41
N LEU B 144 1.43 -4.25 9.33
CA LEU B 144 1.56 -5.69 9.50
C LEU B 144 1.22 -6.03 10.97
N PRO B 145 -0.07 -6.00 11.32
CA PRO B 145 -0.40 -6.14 12.74
C PRO B 145 -0.22 -7.56 13.28
N LEU B 146 0.28 -7.66 14.51
CA LEU B 146 0.36 -8.94 15.21
CA LEU B 146 0.36 -8.94 15.21
C LEU B 146 -0.73 -8.96 16.27
N PRO B 147 -1.67 -9.90 16.19
CA PRO B 147 -2.88 -9.75 17.00
C PRO B 147 -2.82 -10.20 18.46
N GLU B 148 -1.86 -11.05 18.83
CA GLU B 148 -1.95 -11.68 20.14
C GLU B 148 -1.97 -10.71 21.31
N SER B 149 -1.02 -9.77 21.33
CA SER B 149 -1.01 -8.75 22.38
C SER B 149 -0.98 -7.34 21.83
N THR B 150 -0.80 -7.21 20.51
CA THR B 150 -0.53 -5.91 19.94
C THR B 150 -1.59 -5.42 18.95
N THR B 151 -2.82 -5.91 19.10
CA THR B 151 -3.90 -5.43 18.22
C THR B 151 -4.13 -3.92 18.39
N ALA B 152 -4.20 -3.46 19.63
CA ALA B 152 -4.43 -2.03 19.90
C ALA B 152 -3.17 -1.20 19.64
N TYR B 153 -2.00 -1.76 19.91
CA TYR B 153 -0.73 -1.13 19.54
C TYR B 153 -0.69 -0.84 18.04
N ALA B 154 -0.99 -1.87 17.25
CA ALA B 154 -0.95 -1.73 15.79
C ALA B 154 -1.96 -0.67 15.33
N ALA B 155 -3.16 -0.70 15.92
CA ALA B 155 -4.18 0.27 15.55
C ALA B 155 -3.75 1.71 15.88
N ALA B 156 -3.16 1.89 17.07
CA ALA B 156 -2.68 3.22 17.46
C ALA B 156 -1.58 3.71 16.52
N LYS B 157 -0.69 2.82 16.13
CA LYS B 157 0.39 3.17 15.22
C LYS B 157 -0.14 3.49 13.83
N ALA B 158 -1.21 2.82 13.41
CA ALA B 158 -1.85 3.16 12.14
C ALA B 158 -2.48 4.55 12.17
N ALA B 159 -3.16 4.87 13.26
CA ALA B 159 -3.70 6.22 13.44
C ALA B 159 -2.57 7.23 13.34
N LEU B 160 -1.47 6.96 14.04
CA LEU B 160 -0.34 7.89 14.03
C LEU B 160 0.20 8.10 12.61
N SER B 161 0.30 7.01 11.86
CA SER B 161 0.86 7.09 10.52
C SER B 161 -0.02 7.93 9.57
N THR B 162 -1.33 7.73 9.63
CA THR B 162 -2.21 8.50 8.77
C THR B 162 -2.32 9.96 9.22
N TYR B 163 -2.33 10.17 10.53
CA TYR B 163 -2.27 11.52 11.08
C TYR B 163 -1.02 12.25 10.57
N SER B 164 0.12 11.58 10.57
CA SER B 164 1.35 12.18 10.11
C SER B 164 1.26 12.58 8.63
N LYS B 165 0.71 11.70 7.79
CA LYS B 165 0.56 12.05 6.39
C LYS B 165 -0.41 13.22 6.21
N ALA B 166 -1.48 13.25 7.01
CA ALA B 166 -2.40 14.38 6.95
C ALA B 166 -1.69 15.69 7.27
N MSE B 167 -0.92 15.67 8.36
CA MSE B 167 -0.14 16.86 8.72
CA MSE B 167 -0.20 16.89 8.71
C MSE B 167 0.81 17.29 7.62
O MSE B 167 0.95 18.48 7.33
CB MSE B 167 0.69 16.59 9.98
CB MSE B 167 0.49 16.77 10.08
CG MSE B 167 1.63 17.76 10.32
CG MSE B 167 0.95 18.11 10.63
SE MSE B 167 2.62 17.50 11.95
SE MSE B 167 1.35 18.11 12.55
CE MSE B 167 1.19 16.66 12.87
CE MSE B 167 1.47 16.25 12.77
N SER B 168 1.46 16.32 7.00
CA SER B 168 2.40 16.65 5.94
CA SER B 168 2.40 16.64 5.93
C SER B 168 1.70 17.40 4.81
N LYS B 169 0.49 16.98 4.46
CA LYS B 169 -0.25 17.66 3.41
C LYS B 169 -0.51 19.12 3.78
N GLU B 170 -0.79 19.35 5.06
CA GLU B 170 -1.10 20.69 5.53
C GLU B 170 0.13 21.58 5.63
N VAL B 171 1.21 21.06 6.19
CA VAL B 171 2.33 21.93 6.54
C VAL B 171 3.52 21.88 5.59
N SER B 172 3.66 20.85 4.78
CA SER B 172 4.75 20.81 3.80
CA SER B 172 4.79 20.85 3.87
C SER B 172 4.75 22.01 2.86
N PRO B 173 3.55 22.46 2.42
CA PRO B 173 3.57 23.64 1.56
C PRO B 173 4.05 24.90 2.27
N LYS B 174 4.11 24.86 3.59
CA LYS B 174 4.52 26.00 4.40
C LYS B 174 5.97 25.88 4.84
N GLY B 175 6.66 24.82 4.42
CA GLY B 175 8.09 24.71 4.67
C GLY B 175 8.52 23.74 5.76
N VAL B 176 7.55 23.07 6.38
CA VAL B 176 7.85 22.08 7.40
C VAL B 176 7.68 20.67 6.82
N ARG B 177 8.73 19.86 6.88
CA ARG B 177 8.65 18.47 6.43
C ARG B 177 8.15 17.58 7.55
N VAL B 178 7.35 16.58 7.18
CA VAL B 178 6.78 15.65 8.15
C VAL B 178 6.95 14.24 7.60
N VAL B 179 7.76 13.44 8.28
CA VAL B 179 8.12 12.09 7.81
C VAL B 179 7.90 11.07 8.91
N ARG B 180 7.79 9.82 8.50
CA ARG B 180 7.65 8.71 9.41
C ARG B 180 8.83 7.77 9.27
N VAL B 181 9.31 7.27 10.40
CA VAL B 181 10.27 6.16 10.42
C VAL B 181 9.56 4.97 11.03
N SER B 182 9.51 3.87 10.31
CA SER B 182 8.75 2.71 10.75
C SER B 182 9.67 1.52 11.03
N PRO B 183 9.99 1.28 12.30
CA PRO B 183 10.91 0.18 12.64
CA PRO B 183 10.91 0.17 12.59
C PRO B 183 10.21 -1.18 12.74
N GLY B 184 10.95 -2.24 12.44
CA GLY B 184 10.58 -3.59 12.83
C GLY B 184 11.12 -3.80 14.23
N TRP B 185 11.47 -5.04 14.55
CA TRP B 185 12.08 -5.35 15.84
C TRP B 185 13.40 -4.62 15.99
N ILE B 186 13.54 -3.86 17.07
CA ILE B 186 14.77 -3.19 17.45
C ILE B 186 15.35 -3.92 18.65
N GLU B 187 16.63 -4.26 18.57
CA GLU B 187 17.33 -4.95 19.67
C GLU B 187 17.62 -3.99 20.82
N THR B 188 16.85 -4.12 21.90
CA THR B 188 17.00 -3.28 23.08
C THR B 188 17.09 -4.20 24.28
N GLU B 189 17.39 -3.63 25.45
CA GLU B 189 17.40 -4.42 26.67
C GLU B 189 16.03 -5.04 26.91
N ALA B 190 14.98 -4.27 26.64
CA ALA B 190 13.61 -4.78 26.79
C ALA B 190 13.34 -5.99 25.89
N SER B 191 13.71 -5.89 24.62
CA SER B 191 13.45 -7.00 23.70
C SER B 191 14.37 -8.19 23.96
N VAL B 192 15.56 -7.93 24.50
CA VAL B 192 16.44 -9.04 24.89
C VAL B 192 15.83 -9.77 26.09
N ARG B 193 15.24 -9.03 27.02
CA ARG B 193 14.53 -9.65 28.14
C ARG B 193 13.37 -10.49 27.64
N LEU B 194 12.62 -9.99 26.66
CA LEU B 194 11.54 -10.74 26.04
C LEU B 194 12.07 -12.05 25.42
N ALA B 195 13.18 -11.94 24.69
CA ALA B 195 13.82 -13.11 24.09
C ALA B 195 14.21 -14.14 25.15
N GLU B 196 14.77 -13.67 26.26
CA GLU B 196 15.14 -14.55 27.36
C GLU B 196 13.92 -15.24 27.97
N ARG B 197 12.84 -14.49 28.15
CA ARG B 197 11.60 -15.04 28.69
C ARG B 197 11.02 -16.12 27.79
N LEU B 198 11.07 -15.88 26.47
CA LEU B 198 10.57 -16.85 25.51
C LEU B 198 11.46 -18.08 25.45
N ALA B 199 12.77 -17.86 25.60
CA ALA B 199 13.75 -18.93 25.55
C ALA B 199 13.60 -19.90 26.72
N LYS B 200 13.48 -19.34 27.92
CA LYS B 200 13.35 -20.16 29.12
C LYS B 200 12.03 -20.92 29.12
N GLN B 201 11.03 -20.36 28.46
CA GLN B 201 9.70 -20.96 28.40
C GLN B 201 9.64 -22.06 27.36
N ALA B 202 10.43 -21.94 26.30
CA ALA B 202 10.46 -22.93 25.23
C ALA B 202 11.60 -23.93 25.44
N GLY B 203 12.39 -23.71 26.47
CA GLY B 203 13.50 -24.60 26.80
C GLY B 203 14.63 -24.52 25.79
N THR B 204 14.89 -23.33 25.28
CA THR B 204 15.98 -23.11 24.34
C THR B 204 16.91 -22.02 24.88
N ASP B 205 17.97 -21.72 24.14
CA ASP B 205 18.89 -20.66 24.55
C ASP B 205 18.44 -19.30 24.05
N LEU B 206 19.23 -18.26 24.35
CA LEU B 206 18.90 -16.91 23.93
C LEU B 206 18.68 -16.79 22.42
N GLU B 207 19.53 -17.45 21.64
CA GLU B 207 19.40 -17.43 20.20
C GLU B 207 18.08 -18.05 19.75
N GLY B 208 17.65 -19.08 20.47
CA GLY B 208 16.36 -19.71 20.19
C GLY B 208 15.20 -18.77 20.48
N GLY B 209 15.33 -17.98 21.54
CA GLY B 209 14.32 -17.02 21.90
C GLY B 209 14.17 -15.92 20.86
N LYS B 210 15.30 -15.47 20.34
CA LYS B 210 15.31 -14.48 19.26
C LYS B 210 14.65 -15.05 18.01
N LYS B 211 14.88 -16.34 17.76
CA LYS B 211 14.26 -17.00 16.61
C LYS B 211 12.75 -17.09 16.77
N ILE B 212 12.29 -17.28 18.00
CA ILE B 212 10.86 -17.30 18.26
C ILE B 212 10.23 -15.94 17.93
N ILE B 213 10.91 -14.86 18.31
CA ILE B 213 10.42 -13.53 17.97
C ILE B 213 10.41 -13.33 16.47
N MSE B 214 11.50 -13.67 15.80
CA MSE B 214 11.57 -13.48 14.36
C MSE B 214 10.51 -14.28 13.61
O MSE B 214 9.89 -13.77 12.68
CB MSE B 214 12.98 -13.78 13.83
CG MSE B 214 14.02 -12.76 14.31
SE MSE B 214 15.70 -12.79 13.36
CE MSE B 214 16.27 -14.58 13.87
N ASP B 215 10.30 -15.53 14.01
CA ASP B 215 9.31 -16.37 13.35
C ASP B 215 7.91 -15.77 13.53
N GLY B 216 7.68 -15.18 14.70
CA GLY B 216 6.39 -14.57 15.00
C GLY B 216 6.07 -13.39 14.09
N LEU B 217 7.11 -12.75 13.57
CA LEU B 217 6.94 -11.64 12.62
C LEU B 217 6.76 -12.13 11.19
N GLY B 218 6.93 -13.43 10.99
CA GLY B 218 6.93 -13.99 9.65
C GLY B 218 8.33 -14.11 9.05
N GLY B 219 9.33 -13.89 9.90
CA GLY B 219 10.72 -13.93 9.47
C GLY B 219 11.29 -12.56 9.15
N ILE B 220 12.58 -12.39 9.41
CA ILE B 220 13.30 -11.19 9.01
C ILE B 220 14.33 -11.62 7.98
N PRO B 221 14.13 -11.23 6.70
CA PRO B 221 15.09 -11.65 5.66
C PRO B 221 16.56 -11.36 6.02
N LEU B 222 16.84 -10.17 6.56
CA LEU B 222 18.21 -9.83 6.96
C LEU B 222 18.76 -10.78 8.02
N GLY B 223 17.87 -11.37 8.82
CA GLY B 223 18.26 -12.38 9.79
C GLY B 223 18.56 -11.88 11.19
N ARG B 224 18.30 -10.59 11.44
CA ARG B 224 18.60 -9.99 12.74
C ARG B 224 17.71 -8.76 12.90
N PRO B 225 17.44 -8.35 14.16
CA PRO B 225 16.75 -7.09 14.40
C PRO B 225 17.64 -5.89 14.08
N ALA B 226 17.02 -4.72 14.03
CA ALA B 226 17.75 -3.47 13.85
C ALA B 226 18.41 -3.07 15.16
N LYS B 227 19.59 -2.47 15.09
CA LYS B 227 20.22 -1.92 16.29
C LYS B 227 19.67 -0.51 16.55
N PRO B 228 19.63 -0.09 17.82
CA PRO B 228 19.21 1.27 18.14
C PRO B 228 19.96 2.32 17.30
N GLU B 229 21.26 2.16 17.12
CA GLU B 229 22.06 3.08 16.33
CA GLU B 229 22.03 3.13 16.34
C GLU B 229 21.59 3.17 14.88
N GLU B 230 21.08 2.07 14.36
CA GLU B 230 20.62 2.02 12.96
C GLU B 230 19.35 2.83 12.77
N VAL B 231 18.45 2.77 13.74
CA VAL B 231 17.28 3.62 13.71
C VAL B 231 17.69 5.09 13.82
N ALA B 232 18.63 5.38 14.73
CA ALA B 232 19.15 6.73 14.86
C ALA B 232 19.73 7.25 13.54
N ASN B 233 20.47 6.40 12.83
CA ASN B 233 21.09 6.82 11.57
C ASN B 233 20.05 7.34 10.58
N LEU B 234 18.97 6.60 10.46
CA LEU B 234 17.90 6.94 9.52
C LEU B 234 17.20 8.23 9.93
N ILE B 235 16.91 8.37 11.24
CA ILE B 235 16.28 9.60 11.74
C ILE B 235 17.17 10.82 11.48
N ALA B 236 18.47 10.69 11.74
CA ALA B 236 19.40 11.80 11.50
C ALA B 236 19.45 12.19 10.04
N PHE B 237 19.48 11.19 9.15
CA PHE B 237 19.45 11.50 7.74
C PHE B 237 18.19 12.33 7.39
N LEU B 238 17.04 11.85 7.84
CA LEU B 238 15.78 12.50 7.48
C LEU B 238 15.65 13.90 8.08
N ALA B 239 16.27 14.11 9.24
CA ALA B 239 16.24 15.41 9.90
C ALA B 239 17.18 16.43 9.26
N SER B 240 18.14 15.92 8.49
CA SER B 240 19.21 16.75 7.93
C SER B 240 18.79 17.45 6.65
N ASP B 241 19.59 18.45 6.26
CA ASP B 241 19.33 19.15 5.01
C ASP B 241 19.59 18.29 3.77
N ARG B 242 20.17 17.11 3.95
CA ARG B 242 20.33 16.19 2.82
C ARG B 242 19.00 15.53 2.43
N ALA B 243 17.96 15.75 3.24
CA ALA B 243 16.65 15.16 2.99
C ALA B 243 15.57 16.22 2.67
N ALA B 244 16.01 17.36 2.13
CA ALA B 244 15.10 18.49 1.91
C ALA B 244 13.89 18.22 0.99
N SER B 245 13.95 17.22 0.13
CA SER B 245 12.81 16.89 -0.75
CA SER B 245 12.78 16.93 -0.71
C SER B 245 11.97 15.72 -0.25
N ILE B 246 12.29 15.21 0.94
CA ILE B 246 11.58 14.04 1.48
C ILE B 246 10.56 14.51 2.52
N THR B 247 9.28 14.37 2.19
CA THR B 247 8.21 14.68 3.13
C THR B 247 7.02 13.81 2.79
N GLY B 248 6.16 13.61 3.79
CA GLY B 248 4.92 12.88 3.56
C GLY B 248 5.16 11.43 3.19
N ALA B 249 6.23 10.85 3.71
CA ALA B 249 6.60 9.48 3.39
C ALA B 249 6.93 8.72 4.65
N GLU B 250 6.84 7.39 4.58
CA GLU B 250 7.24 6.51 5.67
C GLU B 250 8.39 5.65 5.20
N TYR B 251 9.49 5.69 5.95
CA TYR B 251 10.70 4.96 5.61
C TYR B 251 10.84 3.80 6.60
N THR B 252 10.79 2.58 6.07
CA THR B 252 10.75 1.38 6.88
C THR B 252 12.15 0.86 7.14
N ILE B 253 12.43 0.55 8.42
CA ILE B 253 13.72 -0.04 8.78
C ILE B 253 13.46 -1.34 9.55
N ASP B 254 13.46 -2.44 8.80
CA ASP B 254 12.97 -3.70 9.36
C ASP B 254 13.65 -4.94 8.81
N GLY B 255 14.79 -4.77 8.14
CA GLY B 255 15.50 -5.92 7.60
C GLY B 255 14.69 -6.74 6.59
N GLY B 256 13.68 -6.12 5.99
CA GLY B 256 12.85 -6.79 4.99
C GLY B 256 11.59 -7.45 5.53
N THR B 257 11.33 -7.32 6.83
CA THR B 257 10.22 -8.05 7.46
C THR B 257 8.89 -7.91 6.74
N VAL B 258 8.47 -6.68 6.46
CA VAL B 258 7.19 -6.51 5.77
C VAL B 258 7.35 -7.12 4.37
N PRO B 259 6.52 -8.12 4.02
CA PRO B 259 6.84 -8.94 2.85
C PRO B 259 6.18 -8.49 1.57
N THR B 260 5.50 -7.35 1.59
CA THR B 260 4.87 -6.80 0.41
C THR B 260 5.76 -5.73 -0.24
N ALA B 261 5.63 -5.60 -1.56
CA ALA B 261 6.38 -4.60 -2.31
C ALA B 261 5.93 -3.19 -1.98
N SER C 1 36.45 20.93 17.41
CA SER C 1 36.27 19.50 17.58
C SER C 1 36.88 18.75 16.40
N MSE C 2 37.11 17.46 16.58
CA MSE C 2 37.60 16.59 15.51
C MSE C 2 36.42 15.89 14.84
O MSE C 2 35.36 15.74 15.44
CB MSE C 2 38.59 15.56 16.05
CG MSE C 2 39.98 16.09 16.39
SE MSE C 2 41.03 14.89 17.60
CE MSE C 2 41.74 13.57 16.34
N MSE C 3 36.63 15.43 13.60
CA MSE C 3 35.58 14.79 12.82
C MSE C 3 35.70 13.27 12.79
O MSE C 3 36.79 12.72 12.63
CB MSE C 3 35.65 15.23 11.36
CG MSE C 3 35.57 16.70 11.08
SE MSE C 3 36.31 16.99 9.31
CE MSE C 3 34.87 16.42 8.19
N ILE C 4 34.58 12.59 12.94
CA ILE C 4 34.51 11.20 12.54
C ILE C 4 33.51 11.16 11.41
N GLU C 5 33.93 10.68 10.24
CA GLU C 5 33.05 10.66 9.08
C GLU C 5 31.82 9.84 9.44
N PHE C 6 30.64 10.39 9.19
CA PHE C 6 29.39 9.72 9.55
C PHE C 6 28.96 8.81 8.41
N LEU C 7 28.99 9.34 7.20
CA LEU C 7 28.53 8.60 6.04
C LEU C 7 29.49 8.76 4.89
N ASN C 8 30.13 7.67 4.50
CA ASN C 8 30.95 7.68 3.30
C ASN C 8 30.79 6.38 2.54
N LEU C 9 31.52 6.26 1.44
CA LEU C 9 31.52 5.07 0.62
C LEU C 9 32.97 4.63 0.31
N ARG C 10 33.87 4.90 1.24
CA ARG C 10 35.28 4.52 1.08
C ARG C 10 35.42 3.00 0.97
N GLY C 11 36.24 2.57 0.03
CA GLY C 11 36.48 1.15 -0.19
C GLY C 11 35.43 0.49 -1.07
N LYS C 12 34.35 1.21 -1.38
CA LYS C 12 33.27 0.62 -2.16
C LYS C 12 33.44 0.84 -3.65
N ARG C 13 33.18 -0.21 -4.41
CA ARG C 13 33.19 -0.16 -5.86
C ARG C 13 31.75 -0.08 -6.34
N ALA C 14 31.42 0.97 -7.07
CA ALA C 14 30.04 1.20 -7.49
C ALA C 14 29.87 1.25 -9.00
N LEU C 15 28.89 0.49 -9.51
CA LEU C 15 28.44 0.66 -10.87
C LEU C 15 27.17 1.48 -10.80
N ILE C 16 27.16 2.63 -11.48
CA ILE C 16 25.98 3.49 -11.54
C ILE C 16 25.58 3.59 -13.01
N THR C 17 24.43 3.04 -13.37
CA THR C 17 24.04 3.10 -14.77
C THR C 17 23.43 4.46 -15.10
N ALA C 18 23.63 4.92 -16.33
CA ALA C 18 23.01 6.14 -16.83
C ALA C 18 23.41 7.35 -16.00
N GLY C 19 24.72 7.52 -15.85
CA GLY C 19 25.21 8.51 -14.92
C GLY C 19 25.73 9.79 -15.53
N THR C 20 25.24 10.16 -16.71
CA THR C 20 25.78 11.35 -17.38
C THR C 20 24.85 12.57 -17.40
N LYS C 21 23.60 12.40 -16.97
CA LYS C 21 22.64 13.50 -16.92
C LYS C 21 21.82 13.45 -15.63
N GLY C 22 21.22 14.57 -15.26
CA GLY C 22 20.24 14.61 -14.19
C GLY C 22 20.68 13.96 -12.89
N ALA C 23 19.78 13.19 -12.29
CA ALA C 23 20.12 12.53 -11.03
C ALA C 23 21.28 11.54 -11.16
N GLY C 24 21.42 10.90 -12.32
CA GLY C 24 22.55 10.01 -12.55
C GLY C 24 23.90 10.70 -12.41
N ALA C 25 24.05 11.85 -13.07
CA ALA C 25 25.27 12.63 -12.95
C ALA C 25 25.52 13.07 -11.52
N ALA C 26 24.46 13.49 -10.82
CA ALA C 26 24.64 13.95 -9.44
C ALA C 26 25.08 12.80 -8.55
N THR C 27 24.61 11.61 -8.85
CA THR C 27 24.95 10.44 -8.06
C THR C 27 26.39 10.00 -8.32
N VAL C 28 26.83 10.05 -9.58
CA VAL C 28 28.22 9.75 -9.88
C VAL C 28 29.13 10.73 -9.11
N SER C 29 28.81 12.02 -9.20
N SER C 29 28.81 12.02 -9.20
CA SER C 29 29.63 13.04 -8.56
CA SER C 29 29.60 13.06 -8.56
C SER C 29 29.68 12.86 -7.05
C SER C 29 29.68 12.83 -7.05
N LEU C 30 28.53 12.64 -6.42
CA LEU C 30 28.48 12.43 -4.98
C LEU C 30 29.25 11.17 -4.56
N PHE C 31 29.06 10.07 -5.28
CA PHE C 31 29.76 8.83 -4.95
C PHE C 31 31.29 9.03 -4.99
N LEU C 32 31.77 9.75 -5.99
CA LEU C 32 33.20 10.06 -6.08
C LEU C 32 33.64 10.91 -4.89
N GLU C 33 32.84 11.89 -4.52
CA GLU C 33 33.16 12.76 -3.38
C GLU C 33 33.17 11.97 -2.05
N LEU C 34 32.38 10.90 -1.98
CA LEU C 34 32.29 10.08 -0.78
C LEU C 34 33.31 8.95 -0.75
N GLY C 35 34.18 8.92 -1.76
CA GLY C 35 35.30 7.99 -1.78
C GLY C 35 35.09 6.67 -2.50
N ALA C 36 33.98 6.50 -3.19
CA ALA C 36 33.76 5.28 -3.95
C ALA C 36 34.61 5.24 -5.21
N GLN C 37 34.94 4.04 -5.66
CA GLN C 37 35.45 3.81 -7.00
C GLN C 37 34.24 3.61 -7.89
N VAL C 38 34.12 4.41 -8.94
CA VAL C 38 32.90 4.43 -9.75
C VAL C 38 33.13 4.04 -11.20
N LEU C 39 32.23 3.22 -11.72
CA LEU C 39 32.08 3.02 -13.15
C LEU C 39 30.67 3.43 -13.52
N THR C 40 30.52 4.26 -14.55
CA THR C 40 29.20 4.65 -15.01
C THR C 40 29.07 4.39 -16.52
N THR C 41 27.85 4.54 -17.04
CA THR C 41 27.52 4.10 -18.39
C THR C 41 26.66 5.14 -19.08
N ALA C 42 26.72 5.15 -20.41
CA ALA C 42 25.76 5.87 -21.25
C ALA C 42 26.12 5.59 -22.70
N ARG C 43 25.30 6.09 -23.63
CA ARG C 43 25.56 5.87 -25.04
C ARG C 43 26.62 6.82 -25.58
N ALA C 44 26.91 7.88 -24.83
CA ALA C 44 27.91 8.87 -25.23
C ALA C 44 28.65 9.32 -23.99
N ARG C 45 29.97 9.52 -24.11
CA ARG C 45 30.76 10.03 -22.99
C ARG C 45 30.89 11.55 -23.01
N PRO C 46 30.52 12.22 -21.92
CA PRO C 46 30.80 13.65 -21.78
C PRO C 46 32.31 13.91 -21.80
N GLU C 47 32.74 15.01 -22.43
CA GLU C 47 34.16 15.33 -22.56
C GLU C 47 34.85 15.52 -21.23
N GLY C 48 34.11 15.98 -20.23
CA GLY C 48 34.65 16.29 -18.93
C GLY C 48 34.72 15.09 -18.01
N LEU C 49 34.15 13.97 -18.45
CA LEU C 49 34.14 12.77 -17.63
C LEU C 49 35.28 11.84 -18.03
N PRO C 50 36.26 11.66 -17.13
CA PRO C 50 37.43 10.80 -17.38
C PRO C 50 37.05 9.41 -17.91
N GLU C 51 37.76 8.94 -18.92
CA GLU C 51 37.39 7.70 -19.60
C GLU C 51 37.42 6.45 -18.70
N GLU C 52 38.29 6.46 -17.71
CA GLU C 52 38.41 5.35 -16.78
C GLU C 52 37.15 5.14 -15.96
N LEU C 53 36.34 6.21 -15.85
CA LEU C 53 35.11 6.15 -15.08
C LEU C 53 33.90 5.74 -15.90
N PHE C 54 34.11 5.49 -17.18
CA PHE C 54 33.01 5.40 -18.12
C PHE C 54 33.11 4.21 -19.06
N VAL C 55 31.99 3.54 -19.29
CA VAL C 55 31.91 2.59 -20.39
C VAL C 55 30.72 2.93 -21.27
N GLU C 56 30.96 2.98 -22.57
CA GLU C 56 29.91 3.31 -23.53
C GLU C 56 29.11 2.07 -23.88
N ALA C 57 27.79 2.17 -23.80
CA ALA C 57 26.95 1.03 -24.10
C ALA C 57 25.50 1.48 -24.26
N ASP C 58 24.75 0.72 -25.05
CA ASP C 58 23.30 0.85 -25.14
C ASP C 58 22.69 -0.22 -24.24
N LEU C 59 22.28 0.18 -23.04
CA LEU C 59 21.76 -0.76 -22.06
C LEU C 59 20.37 -1.31 -22.42
N THR C 60 19.76 -0.80 -23.48
CA THR C 60 18.47 -1.34 -23.91
C THR C 60 18.64 -2.60 -24.76
N THR C 61 19.89 -3.00 -25.00
CA THR C 61 20.16 -4.24 -25.74
C THR C 61 20.94 -5.25 -24.87
N LYS C 62 20.81 -6.52 -25.22
CA LYS C 62 21.55 -7.57 -24.52
C LYS C 62 23.05 -7.35 -24.67
N GLU C 63 23.49 -6.92 -25.85
CA GLU C 63 24.91 -6.66 -26.07
C GLU C 63 25.45 -5.54 -25.18
N GLY C 64 24.69 -4.47 -25.04
CA GLY C 64 25.12 -3.36 -24.21
C GLY C 64 25.25 -3.78 -22.76
N CYS C 65 24.30 -4.58 -22.28
CA CYS C 65 24.37 -5.06 -20.91
C CYS C 65 25.60 -5.95 -20.70
N ALA C 66 25.93 -6.76 -21.71
CA ALA C 66 27.11 -7.61 -21.65
C ALA C 66 28.39 -6.78 -21.58
N ILE C 67 28.45 -5.72 -22.38
CA ILE C 67 29.58 -4.80 -22.37
C ILE C 67 29.78 -4.17 -20.99
N VAL C 68 28.70 -3.73 -20.37
CA VAL C 68 28.79 -3.10 -19.05
C VAL C 68 29.21 -4.10 -17.97
N ALA C 69 28.66 -5.31 -18.02
CA ALA C 69 29.06 -6.33 -17.05
C ALA C 69 30.52 -6.64 -17.20
N GLU C 70 31.00 -6.73 -18.45
CA GLU C 70 32.41 -7.01 -18.70
C GLU C 70 33.29 -5.92 -18.10
N ALA C 71 32.94 -4.66 -18.36
CA ALA C 71 33.75 -3.54 -17.88
C ALA C 71 33.74 -3.48 -16.35
N THR C 72 32.63 -3.85 -15.75
CA THR C 72 32.52 -3.88 -14.30
C THR C 72 33.49 -4.92 -13.75
N ARG C 73 33.47 -6.12 -14.32
CA ARG C 73 34.37 -7.16 -13.87
CA ARG C 73 34.37 -7.19 -13.89
C ARG C 73 35.84 -6.81 -14.10
N GLN C 74 36.14 -6.23 -15.26
CA GLN C 74 37.52 -5.90 -15.61
C GLN C 74 38.12 -4.69 -14.91
N ARG C 75 37.33 -3.62 -14.76
CA ARG C 75 37.86 -2.40 -14.18
C ARG C 75 37.71 -2.36 -12.66
N LEU C 76 36.64 -2.94 -12.14
CA LEU C 76 36.37 -2.90 -10.71
C LEU C 76 36.78 -4.20 -10.02
N GLY C 77 36.90 -5.28 -10.79
CA GLY C 77 37.29 -6.56 -10.24
C GLY C 77 36.29 -7.09 -9.24
N GLY C 78 35.06 -6.61 -9.37
CA GLY C 78 34.03 -6.88 -8.39
C GLY C 78 33.26 -5.60 -8.14
N VAL C 79 32.01 -5.72 -7.74
CA VAL C 79 31.19 -4.56 -7.47
C VAL C 79 30.51 -4.68 -6.11
N ASP C 80 30.52 -3.60 -5.34
CA ASP C 80 29.91 -3.59 -4.01
C ASP C 80 28.53 -2.96 -4.02
N VAL C 81 28.31 -2.01 -4.91
CA VAL C 81 27.05 -1.29 -5.00
C VAL C 81 26.69 -1.22 -6.47
N ILE C 82 25.46 -1.62 -6.81
CA ILE C 82 24.94 -1.34 -8.14
C ILE C 82 23.80 -0.37 -7.96
N VAL C 83 23.88 0.79 -8.62
CA VAL C 83 22.78 1.73 -8.63
C VAL C 83 22.20 1.77 -10.03
N HIS C 84 21.00 1.22 -10.19
CA HIS C 84 20.33 1.20 -11.47
C HIS C 84 19.58 2.51 -11.65
N MSE C 85 20.07 3.37 -12.54
CA MSE C 85 19.42 4.66 -12.77
C MSE C 85 18.94 4.83 -14.20
O MSE C 85 18.41 5.89 -14.55
CB MSE C 85 20.35 5.80 -12.38
CG MSE C 85 20.91 5.60 -10.99
SE MSE C 85 21.66 7.18 -10.16
CE MSE C 85 20.03 8.24 -10.04
N LEU C 86 19.12 3.82 -15.03
CA LEU C 86 18.57 3.88 -16.38
C LEU C 86 17.05 3.86 -16.32
N GLY C 87 16.42 4.78 -17.02
CA GLY C 87 14.97 4.79 -17.10
C GLY C 87 14.50 6.00 -17.88
N GLY C 88 13.21 6.06 -18.16
CA GLY C 88 12.67 7.16 -18.94
C GLY C 88 11.52 6.69 -19.81
N SER C 89 10.84 7.64 -20.43
CA SER C 89 9.71 7.34 -21.30
C SER C 89 9.80 8.15 -22.57
N SER C 90 9.76 7.48 -23.71
CA SER C 90 9.81 8.15 -24.99
C SER C 90 8.47 8.07 -25.72
N ALA C 91 7.50 7.39 -25.12
CA ALA C 91 6.19 7.23 -25.76
C ALA C 91 5.45 8.57 -25.90
N ALA C 92 4.76 8.72 -27.02
CA ALA C 92 3.91 9.88 -27.23
C ALA C 92 2.59 9.73 -26.47
N GLY C 93 1.76 10.77 -26.51
CA GLY C 93 0.49 10.76 -25.81
C GLY C 93 -0.57 9.96 -26.53
N GLY C 94 -1.82 10.12 -26.13
CA GLY C 94 -2.91 9.40 -26.75
C GLY C 94 -3.44 8.23 -25.93
N GLY C 95 -2.89 8.04 -24.73
CA GLY C 95 -3.35 6.99 -23.85
C GLY C 95 -2.99 5.57 -24.25
N PHE C 96 -3.63 4.60 -23.60
CA PHE C 96 -3.28 3.19 -23.79
C PHE C 96 -3.39 2.75 -25.26
N SER C 97 -4.39 3.26 -25.98
CA SER C 97 -4.64 2.75 -27.32
C SER C 97 -3.59 3.25 -28.32
N ALA C 98 -2.76 4.19 -27.89
CA ALA C 98 -1.71 4.74 -28.75
C ALA C 98 -0.34 4.13 -28.44
N LEU C 99 -0.31 3.12 -27.56
CA LEU C 99 0.94 2.43 -27.26
C LEU C 99 1.14 1.26 -28.22
N SER C 100 2.12 1.38 -29.11
CA SER C 100 2.41 0.32 -30.06
C SER C 100 3.21 -0.78 -29.38
N ASP C 101 3.44 -1.88 -30.08
CA ASP C 101 4.30 -2.93 -29.56
C ASP C 101 5.71 -2.38 -29.36
N ASP C 102 6.15 -1.49 -30.25
CA ASP C 102 7.44 -0.85 -30.09
C ASP C 102 7.48 0.02 -28.82
N ASP C 103 6.41 0.79 -28.58
CA ASP C 103 6.35 1.57 -27.34
C ASP C 103 6.48 0.67 -26.10
N TRP C 104 5.70 -0.39 -26.05
CA TRP C 104 5.75 -1.30 -24.91
C TRP C 104 7.14 -1.94 -24.76
N TYR C 105 7.72 -2.36 -25.87
CA TYR C 105 9.05 -2.96 -25.80
C TYR C 105 10.08 -1.94 -25.33
N ASN C 106 10.01 -0.72 -25.85
CA ASN C 106 10.95 0.32 -25.45
C ASN C 106 10.84 0.62 -23.95
N GLU C 107 9.61 0.75 -23.46
CA GLU C 107 9.39 1.05 -22.05
C GLU C 107 9.90 -0.06 -21.15
N LEU C 108 9.65 -1.31 -21.52
CA LEU C 108 10.11 -2.43 -20.72
C LEU C 108 11.63 -2.59 -20.80
N SER C 109 12.21 -2.40 -21.98
CA SER C 109 13.64 -2.57 -22.14
CA SER C 109 13.65 -2.57 -22.14
CA SER C 109 13.65 -2.56 -22.15
C SER C 109 14.43 -1.53 -21.34
N LEU C 110 13.98 -0.30 -21.38
CA LEU C 110 14.67 0.79 -20.68
C LEU C 110 14.45 0.75 -19.18
N ASN C 111 13.22 0.50 -18.75
CA ASN C 111 12.88 0.67 -17.33
C ASN C 111 12.95 -0.59 -16.48
N LEU C 112 12.89 -1.74 -17.13
CA LEU C 112 12.96 -3.03 -16.43
C LEU C 112 14.12 -3.92 -16.89
N PHE C 113 14.25 -4.13 -18.20
CA PHE C 113 15.11 -5.21 -18.70
C PHE C 113 16.58 -4.95 -18.46
N ALA C 114 17.02 -3.70 -18.54
CA ALA C 114 18.44 -3.44 -18.33
C ALA C 114 18.85 -3.84 -16.92
N ALA C 115 18.02 -3.46 -15.94
CA ALA C 115 18.30 -3.85 -14.56
C ALA C 115 18.28 -5.36 -14.39
N VAL C 116 17.30 -6.02 -15.00
CA VAL C 116 17.19 -7.47 -14.89
C VAL C 116 18.42 -8.15 -15.49
N ARG C 117 18.82 -7.74 -16.68
CA ARG C 117 19.97 -8.37 -17.34
C ARG C 117 21.26 -8.15 -16.55
N LEU C 118 21.46 -6.94 -16.05
CA LEU C 118 22.68 -6.63 -15.31
C LEU C 118 22.71 -7.37 -13.98
N ASP C 119 21.57 -7.41 -13.28
CA ASP C 119 21.51 -8.13 -12.00
C ASP C 119 21.79 -9.62 -12.19
N ARG C 120 21.25 -10.19 -13.25
CA ARG C 120 21.40 -11.62 -13.49
C ARG C 120 22.88 -11.97 -13.66
N GLN C 121 23.65 -11.05 -14.26
CA GLN C 121 25.07 -11.23 -14.45
C GLN C 121 25.91 -10.92 -13.22
N LEU C 122 25.53 -9.88 -12.47
CA LEU C 122 26.43 -9.34 -11.44
C LEU C 122 26.06 -9.69 -10.01
N VAL C 123 24.77 -9.83 -9.72
CA VAL C 123 24.37 -10.09 -8.34
C VAL C 123 24.85 -11.44 -7.76
N PRO C 124 24.86 -12.52 -8.58
CA PRO C 124 25.35 -13.77 -7.99
C PRO C 124 26.78 -13.68 -7.44
N ASP C 125 27.63 -12.85 -8.03
CA ASP C 125 28.99 -12.67 -7.52
C ASP C 125 28.97 -11.97 -6.17
N MSE C 126 28.05 -11.01 -6.02
CA MSE C 126 27.94 -10.29 -4.76
CA MSE C 126 27.90 -10.28 -4.77
C MSE C 126 27.43 -11.21 -3.68
O MSE C 126 27.92 -11.18 -2.55
CB MSE C 126 27.09 -9.05 -4.95
CB MSE C 126 26.92 -9.12 -4.96
CG MSE C 126 27.64 -8.15 -6.06
CG MSE C 126 27.01 -8.48 -6.35
SE MSE C 126 26.71 -6.48 -6.37
SE MSE C 126 25.95 -6.86 -6.57
CE MSE C 126 25.43 -6.65 -4.97
CE MSE C 126 27.02 -5.83 -5.31
N VAL C 127 26.47 -12.07 -4.03
CA VAL C 127 26.00 -13.08 -3.09
C VAL C 127 27.12 -14.03 -2.66
N ALA C 128 27.96 -14.43 -3.63
CA ALA C 128 29.08 -15.31 -3.33
C ALA C 128 30.01 -14.69 -2.29
N ARG C 129 30.23 -13.38 -2.42
CA ARG C 129 31.08 -12.69 -1.46
C ARG C 129 30.36 -12.56 -0.11
N GLY C 130 29.05 -12.37 -0.16
CA GLY C 130 28.25 -12.22 1.04
C GLY C 130 28.05 -10.79 1.51
N SER C 131 28.23 -9.83 0.60
CA SER C 131 28.01 -8.42 0.94
C SER C 131 27.70 -7.62 -0.32
N GLY C 132 27.04 -6.48 -0.15
CA GLY C 132 26.76 -5.62 -1.27
C GLY C 132 25.39 -4.99 -1.15
N VAL C 133 25.13 -4.02 -2.02
CA VAL C 133 23.84 -3.35 -2.07
C VAL C 133 23.44 -3.13 -3.51
N VAL C 134 22.18 -3.42 -3.82
CA VAL C 134 21.61 -3.09 -5.11
C VAL C 134 20.50 -2.07 -4.89
N VAL C 135 20.55 -0.97 -5.63
CA VAL C 135 19.52 0.07 -5.59
C VAL C 135 18.81 0.13 -6.93
N HIS C 136 17.52 -0.14 -6.91
CA HIS C 136 16.69 0.02 -8.11
C HIS C 136 15.97 1.35 -8.02
N VAL C 137 16.26 2.26 -8.95
CA VAL C 137 15.54 3.52 -8.99
C VAL C 137 14.25 3.32 -9.77
N THR C 138 13.16 3.38 -9.05
CA THR C 138 11.85 3.13 -9.61
C THR C 138 11.22 4.48 -10.05
N SER C 139 10.07 4.84 -9.46
CA SER C 139 9.32 6.05 -9.85
C SER C 139 8.01 6.00 -9.13
N ILE C 140 7.52 7.15 -8.68
CA ILE C 140 6.19 7.16 -8.07
C ILE C 140 5.10 6.67 -9.01
N GLN C 141 5.34 6.70 -10.33
CA GLN C 141 4.32 6.19 -11.25
C GLN C 141 4.07 4.69 -11.07
N ARG C 142 4.99 3.97 -10.42
CA ARG C 142 4.74 2.55 -10.18
C ARG C 142 3.51 2.35 -9.30
N VAL C 143 3.21 3.34 -8.45
CA VAL C 143 1.99 3.34 -7.64
C VAL C 143 0.96 4.37 -8.10
N LEU C 144 1.41 5.46 -8.73
CA LEU C 144 0.55 6.58 -9.10
C LEU C 144 0.67 6.82 -10.60
N PRO C 145 0.01 5.98 -11.40
CA PRO C 145 0.26 6.05 -12.85
C PRO C 145 -0.42 7.24 -13.51
N LEU C 146 0.26 7.84 -14.48
CA LEU C 146 -0.30 8.89 -15.32
CA LEU C 146 -0.32 8.89 -15.32
C LEU C 146 -0.53 8.29 -16.71
N PRO C 147 -1.78 8.25 -17.16
CA PRO C 147 -2.09 7.46 -18.36
C PRO C 147 -1.77 8.08 -19.72
N GLU C 148 -1.69 9.40 -19.83
CA GLU C 148 -1.64 10.03 -21.16
C GLU C 148 -0.51 9.51 -22.05
N SER C 149 0.72 9.52 -21.54
CA SER C 149 1.85 9.01 -22.31
C SER C 149 2.64 7.99 -21.53
N THR C 150 2.31 7.81 -20.25
CA THR C 150 3.13 6.99 -19.38
C THR C 150 2.47 5.73 -18.83
N THR C 151 1.45 5.21 -19.50
CA THR C 151 0.81 3.97 -19.07
C THR C 151 1.81 2.80 -19.04
N ALA C 152 2.60 2.64 -20.12
CA ALA C 152 3.56 1.54 -20.18
C ALA C 152 4.79 1.82 -19.29
N TYR C 153 5.18 3.07 -19.19
CA TYR C 153 6.23 3.48 -18.26
C TYR C 153 5.89 3.07 -16.83
N ALA C 154 4.69 3.45 -16.40
CA ALA C 154 4.23 3.10 -15.05
C ALA C 154 4.19 1.59 -14.83
N ALA C 155 3.67 0.85 -15.82
CA ALA C 155 3.61 -0.60 -15.73
C ALA C 155 5.01 -1.22 -15.60
N ALA C 156 5.94 -0.76 -16.43
CA ALA C 156 7.33 -1.22 -16.37
C ALA C 156 7.96 -0.94 -15.01
N LYS C 157 7.69 0.24 -14.46
CA LYS C 157 8.25 0.59 -13.16
C LYS C 157 7.63 -0.25 -12.03
N ALA C 158 6.36 -0.59 -12.15
CA ALA C 158 5.74 -1.48 -11.19
C ALA C 158 6.34 -2.89 -11.25
N ALA C 159 6.58 -3.40 -12.45
CA ALA C 159 7.28 -4.69 -12.57
C ALA C 159 8.64 -4.61 -11.90
N LEU C 160 9.38 -3.54 -12.17
CA LEU C 160 10.69 -3.37 -11.56
C LEU C 160 10.62 -3.37 -10.03
N SER C 161 9.63 -2.66 -9.48
CA SER C 161 9.51 -2.54 -8.04
C SER C 161 9.21 -3.90 -7.38
N THR C 162 8.32 -4.68 -7.97
CA THR C 162 8.01 -5.99 -7.40
C THR C 162 9.14 -6.98 -7.61
N TYR C 163 9.77 -6.95 -8.77
CA TYR C 163 10.98 -7.72 -9.02
C TYR C 163 12.04 -7.42 -7.95
N SER C 164 12.24 -6.15 -7.63
CA SER C 164 13.25 -5.77 -6.64
C SER C 164 12.94 -6.39 -5.27
N LYS C 165 11.67 -6.31 -4.85
CA LYS C 165 11.29 -6.91 -3.58
C LYS C 165 11.50 -8.42 -3.60
N ALA C 166 11.16 -9.06 -4.72
CA ALA C 166 11.39 -10.48 -4.86
C ALA C 166 12.87 -10.81 -4.71
N MSE C 167 13.74 -10.05 -5.37
CA MSE C 167 15.21 -10.20 -5.26
CA MSE C 167 15.17 -10.31 -5.25
C MSE C 167 15.63 -10.08 -3.80
O MSE C 167 16.42 -10.88 -3.30
CB MSE C 167 15.92 -9.09 -6.08
CB MSE C 167 15.98 -9.48 -6.22
CG MSE C 167 17.50 -9.05 -6.05
CG MSE C 167 17.49 -9.76 -6.17
SE MSE C 167 18.32 -9.21 -7.86
SE MSE C 167 18.44 -8.25 -6.97
CE MSE C 167 16.86 -10.36 -8.33
CE MSE C 167 17.28 -8.30 -8.42
N SER C 168 15.10 -9.06 -3.13
CA SER C 168 15.47 -8.83 -1.74
C SER C 168 15.17 -10.04 -0.86
N LYS C 169 14.01 -10.66 -1.08
CA LYS C 169 13.66 -11.85 -0.28
C LYS C 169 14.70 -12.95 -0.45
N GLU C 170 15.20 -13.09 -1.67
CA GLU C 170 16.16 -14.15 -1.96
C GLU C 170 17.58 -13.86 -1.46
N VAL C 171 18.05 -12.63 -1.67
CA VAL C 171 19.47 -12.36 -1.44
C VAL C 171 19.77 -11.64 -0.14
N SER C 172 18.78 -10.97 0.46
CA SER C 172 18.99 -10.33 1.78
CA SER C 172 19.08 -10.33 1.74
C SER C 172 19.51 -11.32 2.85
N PRO C 173 18.95 -12.55 2.86
CA PRO C 173 19.49 -13.50 3.85
C PRO C 173 20.94 -13.90 3.60
N LYS C 174 21.45 -13.58 2.42
CA LYS C 174 22.80 -13.96 2.04
C LYS C 174 23.76 -12.78 2.12
N GLY C 175 23.27 -11.65 2.64
CA GLY C 175 24.14 -10.52 2.93
C GLY C 175 24.10 -9.39 1.92
N VAL C 176 23.27 -9.51 0.88
CA VAL C 176 23.16 -8.44 -0.12
C VAL C 176 21.84 -7.69 0.10
N ARG C 177 21.91 -6.39 0.36
CA ARG C 177 20.69 -5.60 0.54
C ARG C 177 20.16 -5.16 -0.81
N VAL C 178 18.85 -5.08 -0.95
CA VAL C 178 18.22 -4.66 -2.21
C VAL C 178 17.11 -3.68 -1.89
N VAL C 179 17.28 -2.43 -2.34
CA VAL C 179 16.36 -1.37 -1.96
C VAL C 179 15.91 -0.62 -3.20
N ARG C 180 14.80 0.09 -3.08
CA ARG C 180 14.30 0.95 -4.13
C ARG C 180 14.28 2.40 -3.69
N VAL C 181 14.66 3.28 -4.61
CA VAL C 181 14.45 4.71 -4.45
C VAL C 181 13.42 5.13 -5.49
N SER C 182 12.31 5.70 -5.05
CA SER C 182 11.23 6.04 -5.96
C SER C 182 11.04 7.55 -6.05
N PRO C 183 11.58 8.15 -7.12
CA PRO C 183 11.47 9.61 -7.23
C PRO C 183 10.15 10.07 -7.85
N GLY C 184 9.72 11.25 -7.42
CA GLY C 184 8.72 11.98 -8.18
C GLY C 184 9.40 12.76 -9.30
N TRP C 185 8.80 13.87 -9.69
CA TRP C 185 9.40 14.74 -10.69
C TRP C 185 10.78 15.23 -10.22
N ILE C 186 11.79 15.07 -11.09
CA ILE C 186 13.14 15.54 -10.84
C ILE C 186 13.44 16.71 -11.79
N GLU C 187 13.99 17.78 -11.25
CA GLU C 187 14.38 18.94 -12.03
C GLU C 187 15.60 18.63 -12.89
N THR C 188 15.41 18.55 -14.21
CA THR C 188 16.49 18.25 -15.13
C THR C 188 16.36 19.16 -16.33
N GLU C 189 17.38 19.23 -17.17
CA GLU C 189 17.27 20.04 -18.36
CA GLU C 189 17.30 20.01 -18.41
C GLU C 189 16.11 19.55 -19.23
N ALA C 190 15.93 18.23 -19.28
CA ALA C 190 14.83 17.64 -20.04
C ALA C 190 13.45 18.05 -19.52
N SER C 191 13.32 18.19 -18.20
CA SER C 191 12.05 18.60 -17.60
CA SER C 191 12.02 18.59 -17.67
C SER C 191 11.77 20.09 -17.79
N VAL C 192 12.82 20.89 -17.87
CA VAL C 192 12.66 22.29 -18.19
C VAL C 192 12.11 22.41 -19.61
N ARG C 193 12.68 21.63 -20.53
CA ARG C 193 12.18 21.61 -21.91
C ARG C 193 10.71 21.19 -21.97
N LEU C 194 10.34 20.19 -21.17
CA LEU C 194 8.95 19.74 -21.08
CA LEU C 194 8.95 19.75 -21.08
C LEU C 194 8.04 20.88 -20.60
N ALA C 195 8.45 21.56 -19.53
CA ALA C 195 7.65 22.65 -18.98
C ALA C 195 7.49 23.78 -20.00
N GLU C 196 8.54 24.07 -20.76
CA GLU C 196 8.48 25.09 -21.80
C GLU C 196 7.52 24.68 -22.91
N ARG C 197 7.58 23.42 -23.32
CA ARG C 197 6.70 22.92 -24.38
C ARG C 197 5.23 22.99 -23.98
N LEU C 198 4.93 22.51 -22.78
CA LEU C 198 3.56 22.56 -22.24
C LEU C 198 3.08 24.00 -22.09
N ALA C 199 3.99 24.88 -21.66
CA ALA C 199 3.66 26.29 -21.47
C ALA C 199 3.31 26.96 -22.79
N LYS C 200 4.03 26.60 -23.84
CA LYS C 200 3.79 27.16 -25.17
C LYS C 200 2.46 26.69 -25.73
N GLN C 201 2.18 25.40 -25.59
CA GLN C 201 0.94 24.88 -26.17
C GLN C 201 -0.29 25.28 -25.36
N ALA C 202 -0.07 25.67 -24.11
CA ALA C 202 -1.16 26.17 -23.26
C ALA C 202 -1.23 27.69 -23.29
N GLY C 203 -0.24 28.33 -23.92
CA GLY C 203 -0.21 29.78 -24.02
C GLY C 203 0.12 30.47 -22.71
N THR C 204 0.89 29.78 -21.87
CA THR C 204 1.34 30.36 -20.61
C THR C 204 2.87 30.40 -20.59
N ASP C 205 3.45 30.63 -19.42
CA ASP C 205 4.91 30.72 -19.32
C ASP C 205 5.54 29.56 -18.54
N LEU C 206 6.85 29.66 -18.29
CA LEU C 206 7.59 28.60 -17.60
C LEU C 206 6.94 28.17 -16.30
N GLU C 207 6.59 29.13 -15.45
CA GLU C 207 5.96 28.81 -14.17
C GLU C 207 4.59 28.18 -14.41
N GLY C 208 3.90 28.62 -15.46
CA GLY C 208 2.65 28.03 -15.86
C GLY C 208 2.82 26.59 -16.31
N GLY C 209 3.90 26.33 -17.04
CA GLY C 209 4.24 24.99 -17.47
C GLY C 209 4.58 24.11 -16.27
N LYS C 210 5.31 24.68 -15.32
CA LYS C 210 5.61 23.98 -14.08
C LYS C 210 4.32 23.60 -13.36
N LYS C 211 3.39 24.54 -13.29
CA LYS C 211 2.12 24.29 -12.61
C LYS C 211 1.31 23.20 -13.30
N ILE C 212 1.34 23.19 -14.63
CA ILE C 212 0.65 22.16 -15.41
C ILE C 212 1.17 20.77 -15.06
N ILE C 213 2.49 20.63 -14.98
CA ILE C 213 3.10 19.35 -14.62
C ILE C 213 2.71 18.96 -13.19
N MSE C 214 2.88 19.89 -12.25
CA MSE C 214 2.57 19.60 -10.85
CA MSE C 214 2.57 19.60 -10.86
C MSE C 214 1.09 19.27 -10.66
O MSE C 214 0.76 18.32 -9.96
CB MSE C 214 3.01 20.73 -9.93
CB MSE C 214 3.05 20.75 -9.98
CG MSE C 214 4.53 20.89 -9.86
CG MSE C 214 4.56 20.92 -10.05
SE MSE C 214 5.22 21.97 -8.40
SE MSE C 214 5.27 22.54 -9.27
CE MSE C 214 4.23 23.63 -8.74
CE MSE C 214 4.33 22.43 -7.59
N ASP C 215 0.20 20.04 -11.31
CA ASP C 215 -1.23 19.75 -11.23
C ASP C 215 -1.53 18.38 -11.81
N GLY C 216 -0.81 18.01 -12.87
CA GLY C 216 -0.97 16.72 -13.51
C GLY C 216 -0.62 15.55 -12.61
N LEU C 217 0.23 15.81 -11.61
CA LEU C 217 0.60 14.79 -10.62
C LEU C 217 -0.36 14.78 -9.43
N GLY C 218 -1.30 15.70 -9.39
CA GLY C 218 -2.17 15.86 -8.25
C GLY C 218 -1.64 16.86 -7.23
N GLY C 219 -0.58 17.56 -7.62
CA GLY C 219 0.04 18.57 -6.77
C GLY C 219 1.25 18.02 -6.04
N ILE C 220 2.27 18.85 -5.84
CA ILE C 220 3.41 18.49 -5.00
C ILE C 220 3.34 19.33 -3.74
N PRO C 221 3.07 18.71 -2.58
CA PRO C 221 2.97 19.50 -1.34
C PRO C 221 4.19 20.39 -1.09
N LEU C 222 5.39 19.87 -1.33
CA LEU C 222 6.59 20.68 -1.14
C LEU C 222 6.65 21.89 -2.08
N GLY C 223 5.99 21.77 -3.23
CA GLY C 223 5.85 22.89 -4.16
C GLY C 223 6.91 22.99 -5.24
N ARG C 224 7.76 21.97 -5.34
CA ARG C 224 8.84 21.97 -6.32
C ARG C 224 9.26 20.54 -6.59
N PRO C 225 9.83 20.28 -7.78
CA PRO C 225 10.42 18.97 -8.05
C PRO C 225 11.66 18.73 -7.19
N ALA C 226 12.09 17.47 -7.12
CA ALA C 226 13.33 17.11 -6.45
C ALA C 226 14.52 17.52 -7.30
N LYS C 227 15.61 17.90 -6.65
CA LYS C 227 16.84 18.19 -7.38
C LYS C 227 17.67 16.91 -7.55
N PRO C 228 18.44 16.85 -8.64
CA PRO C 228 19.32 15.69 -8.86
C PRO C 228 20.17 15.36 -7.63
N GLU C 229 20.74 16.37 -6.97
CA GLU C 229 21.57 16.13 -5.80
C GLU C 229 20.76 15.52 -4.65
N GLU C 230 19.47 15.87 -4.56
CA GLU C 230 18.63 15.32 -3.50
C GLU C 230 18.40 13.82 -3.69
N VAL C 231 18.19 13.41 -4.93
CA VAL C 231 18.07 11.99 -5.23
C VAL C 231 19.40 11.29 -4.91
N ALA C 232 20.51 11.90 -5.34
CA ALA C 232 21.84 11.37 -5.04
C ALA C 232 22.04 11.16 -3.54
N ASN C 233 21.65 12.16 -2.74
CA ASN C 233 21.82 12.08 -1.28
C ASN C 233 21.18 10.81 -0.70
N LEU C 234 19.95 10.54 -1.14
CA LEU C 234 19.21 9.40 -0.64
C LEU C 234 19.86 8.08 -1.07
N ILE C 235 20.28 8.01 -2.33
CA ILE C 235 20.94 6.81 -2.84
C ILE C 235 22.25 6.54 -2.06
N ALA C 236 23.03 7.59 -1.84
CA ALA C 236 24.27 7.44 -1.07
C ALA C 236 24.01 6.94 0.35
N PHE C 237 22.98 7.49 1.00
CA PHE C 237 22.64 7.00 2.33
C PHE C 237 22.33 5.50 2.29
N LEU C 238 21.46 5.09 1.37
CA LEU C 238 21.04 3.70 1.31
C LEU C 238 22.19 2.75 0.93
N ALA C 239 23.16 3.24 0.16
CA ALA C 239 24.28 2.42 -0.26
C ALA C 239 25.31 2.25 0.86
N SER C 240 25.27 3.15 1.83
CA SER C 240 26.26 3.23 2.90
C SER C 240 26.00 2.22 4.04
N ASP C 241 27.04 2.01 4.86
CA ASP C 241 26.91 1.11 5.99
C ASP C 241 25.98 1.68 7.09
N ARG C 242 25.62 2.95 6.97
CA ARG C 242 24.62 3.53 7.89
C ARG C 242 23.21 3.02 7.65
N ALA C 243 23.03 2.27 6.57
CA ALA C 243 21.73 1.73 6.18
C ALA C 243 21.73 0.19 6.19
N ALA C 244 22.59 -0.39 7.02
CA ALA C 244 22.79 -1.84 7.04
C ALA C 244 21.54 -2.66 7.43
N SER C 245 20.55 -2.06 8.09
CA SER C 245 19.33 -2.79 8.43
CA SER C 245 19.35 -2.84 8.39
C SER C 245 18.17 -2.49 7.48
N ILE C 246 18.44 -1.75 6.41
CA ILE C 246 17.40 -1.36 5.46
C ILE C 246 17.51 -2.21 4.20
N THR C 247 16.53 -3.08 3.99
CA THR C 247 16.48 -3.88 2.78
C THR C 247 15.02 -4.19 2.43
N GLY C 248 14.78 -4.50 1.16
CA GLY C 248 13.42 -4.86 0.74
C GLY C 248 12.39 -3.78 0.95
N ALA C 249 12.80 -2.52 0.81
CA ALA C 249 11.94 -1.37 1.06
C ALA C 249 12.07 -0.38 -0.08
N GLU C 250 11.03 0.43 -0.30
CA GLU C 250 11.05 1.52 -1.27
C GLU C 250 10.96 2.84 -0.53
N TYR C 251 11.94 3.69 -0.79
CA TYR C 251 12.03 4.99 -0.18
C TYR C 251 11.67 6.05 -1.21
N THR C 252 10.56 6.74 -0.95
CA THR C 252 10.02 7.71 -1.89
C THR C 252 10.58 9.10 -1.68
N ILE C 253 11.00 9.73 -2.77
CA ILE C 253 11.51 11.10 -2.71
C ILE C 253 10.75 11.94 -3.74
N ASP C 254 9.70 12.59 -3.26
CA ASP C 254 8.73 13.17 -4.19
C ASP C 254 8.05 14.44 -3.64
N GLY C 255 8.59 15.00 -2.57
CA GLY C 255 7.99 16.22 -2.03
C GLY C 255 6.56 16.03 -1.52
N GLY C 256 6.20 14.78 -1.24
CA GLY C 256 4.87 14.43 -0.78
C GLY C 256 3.84 14.11 -1.85
N THR C 257 4.26 14.08 -3.12
CA THR C 257 3.32 13.90 -4.23
C THR C 257 2.34 12.74 -4.03
N VAL C 258 2.86 11.54 -3.78
CA VAL C 258 1.96 10.40 -3.59
C VAL C 258 1.07 10.68 -2.38
N PRO C 259 -0.26 10.72 -2.57
CA PRO C 259 -1.12 11.33 -1.54
C PRO C 259 -1.66 10.33 -0.51
N THR C 260 -1.22 9.09 -0.59
CA THR C 260 -1.65 8.05 0.33
C THR C 260 -0.61 7.85 1.43
N ALA C 261 -1.09 7.43 2.60
CA ALA C 261 -0.24 7.18 3.76
C ALA C 261 0.63 5.95 3.54
N SER D 1 -36.96 -19.85 -17.90
CA SER D 1 -36.09 -20.67 -17.06
C SER D 1 -36.49 -20.56 -15.59
N MSE D 2 -35.91 -21.43 -14.77
CA MSE D 2 -36.14 -21.42 -13.32
C MSE D 2 -34.97 -20.76 -12.65
O MSE D 2 -33.84 -20.84 -13.15
CB MSE D 2 -36.31 -22.84 -12.79
CG MSE D 2 -37.60 -23.51 -13.21
SE MSE D 2 -37.69 -25.40 -12.74
CE MSE D 2 -36.04 -26.00 -13.57
N MSE D 3 -35.21 -20.14 -11.49
CA MSE D 3 -34.16 -19.40 -10.82
C MSE D 3 -33.61 -20.08 -9.56
O MSE D 3 -34.32 -20.63 -8.75
CB MSE D 3 -34.62 -17.96 -10.50
CG MSE D 3 -35.80 -17.86 -9.56
SE MSE D 3 -36.81 -16.20 -9.79
CE MSE D 3 -35.60 -15.01 -8.90
N ILE D 4 -32.28 -20.04 -9.45
CA ILE D 4 -31.62 -20.39 -8.22
C ILE D 4 -31.02 -19.09 -7.72
N GLU D 5 -31.39 -18.68 -6.51
CA GLU D 5 -30.92 -17.42 -5.97
C GLU D 5 -29.41 -17.46 -5.91
N PHE D 6 -28.77 -16.44 -6.49
CA PHE D 6 -27.32 -16.39 -6.53
C PHE D 6 -26.81 -15.85 -5.21
N LEU D 7 -27.42 -14.77 -4.78
CA LEU D 7 -26.99 -14.12 -3.56
C LEU D 7 -28.19 -13.83 -2.69
N ASN D 8 -28.15 -14.34 -1.48
CA ASN D 8 -29.13 -13.95 -0.48
C ASN D 8 -28.50 -14.00 0.90
N LEU D 9 -29.31 -13.69 1.91
CA LEU D 9 -28.87 -13.69 3.30
C LEU D 9 -29.93 -14.40 4.13
N ARG D 10 -30.60 -15.37 3.51
CA ARG D 10 -31.61 -16.15 4.19
C ARG D 10 -31.00 -16.90 5.38
N GLY D 11 -31.70 -16.84 6.52
CA GLY D 11 -31.25 -17.54 7.70
C GLY D 11 -30.22 -16.76 8.50
N LYS D 12 -29.73 -15.65 7.96
CA LYS D 12 -28.74 -14.87 8.66
C LYS D 12 -29.34 -13.81 9.59
N ARG D 13 -28.76 -13.70 10.77
CA ARG D 13 -29.14 -12.71 11.77
C ARG D 13 -28.09 -11.61 11.71
N ALA D 14 -28.51 -10.39 11.39
CA ALA D 14 -27.58 -9.29 11.18
C ALA D 14 -27.82 -8.09 12.08
N LEU D 15 -26.77 -7.66 12.78
CA LEU D 15 -26.74 -6.36 13.44
C LEU D 15 -26.09 -5.36 12.49
N ILE D 16 -26.81 -4.31 12.14
CA ILE D 16 -26.28 -3.26 11.28
C ILE D 16 -26.34 -1.98 12.09
N THR D 17 -25.20 -1.41 12.48
CA THR D 17 -25.26 -0.21 13.31
C THR D 17 -25.53 1.02 12.46
N ALA D 18 -26.20 2.02 13.03
CA ALA D 18 -26.42 3.31 12.37
C ALA D 18 -27.16 3.14 11.05
N GLY D 19 -28.26 2.42 11.11
CA GLY D 19 -28.94 2.01 9.90
C GLY D 19 -30.16 2.82 9.54
N THR D 20 -30.22 4.07 9.99
CA THR D 20 -31.42 4.89 9.73
C THR D 20 -31.24 6.06 8.76
N LYS D 21 -30.02 6.29 8.29
CA LYS D 21 -29.80 7.30 7.27
C LYS D 21 -28.79 6.79 6.27
N GLY D 22 -28.73 7.43 5.11
CA GLY D 22 -27.66 7.17 4.15
C GLY D 22 -27.44 5.72 3.78
N ALA D 23 -26.17 5.33 3.69
CA ALA D 23 -25.85 3.95 3.35
C ALA D 23 -26.34 2.96 4.37
N GLY D 24 -26.40 3.36 5.65
CA GLY D 24 -26.94 2.50 6.68
C GLY D 24 -28.38 2.09 6.41
N ALA D 25 -29.21 3.07 6.08
CA ALA D 25 -30.61 2.80 5.77
C ALA D 25 -30.73 1.91 4.55
N ALA D 26 -29.90 2.16 3.54
CA ALA D 26 -29.96 1.36 2.32
C ALA D 26 -29.52 -0.07 2.60
N THR D 27 -28.59 -0.25 3.53
CA THR D 27 -28.11 -1.58 3.88
C THR D 27 -29.15 -2.36 4.68
N VAL D 28 -29.80 -1.70 5.64
CA VAL D 28 -30.93 -2.32 6.34
C VAL D 28 -32.01 -2.79 5.36
N SER D 29 -32.41 -1.89 4.46
CA SER D 29 -33.43 -2.21 3.46
CA SER D 29 -33.43 -2.22 3.47
C SER D 29 -33.04 -3.43 2.62
N LEU D 30 -31.81 -3.43 2.10
CA LEU D 30 -31.37 -4.52 1.25
C LEU D 30 -31.25 -5.83 2.02
N PHE D 31 -30.70 -5.80 3.22
CA PHE D 31 -30.60 -7.02 4.01
C PHE D 31 -31.97 -7.66 4.27
N LEU D 32 -32.96 -6.82 4.59
CA LEU D 32 -34.32 -7.31 4.77
C LEU D 32 -34.83 -7.94 3.48
N GLU D 33 -34.54 -7.31 2.35
CA GLU D 33 -35.02 -7.81 1.06
C GLU D 33 -34.35 -9.14 0.70
N LEU D 34 -33.14 -9.34 1.20
CA LEU D 34 -32.38 -10.57 0.93
C LEU D 34 -32.65 -11.65 1.97
N GLY D 35 -33.62 -11.41 2.85
CA GLY D 35 -34.10 -12.42 3.78
C GLY D 35 -33.38 -12.51 5.12
N ALA D 36 -32.53 -11.53 5.43
CA ALA D 36 -31.90 -11.48 6.75
C ALA D 36 -32.87 -11.02 7.83
N GLN D 37 -32.65 -11.50 9.05
CA GLN D 37 -33.30 -10.95 10.23
C GLN D 37 -32.39 -9.85 10.74
N VAL D 38 -32.93 -8.64 10.90
CA VAL D 38 -32.10 -7.47 11.15
C VAL D 38 -32.43 -6.77 12.45
N LEU D 39 -31.38 -6.35 13.17
CA LEU D 39 -31.50 -5.35 14.21
C LEU D 39 -30.62 -4.17 13.82
N THR D 40 -31.16 -2.97 13.90
CA THR D 40 -30.36 -1.77 13.66
C THR D 40 -30.44 -0.82 14.85
N THR D 41 -29.68 0.28 14.79
CA THR D 41 -29.52 1.20 15.92
C THR D 41 -29.60 2.64 15.45
N ALA D 42 -29.95 3.53 16.37
CA ALA D 42 -29.82 4.99 16.17
C ALA D 42 -30.05 5.68 17.50
N ARG D 43 -29.65 6.95 17.58
CA ARG D 43 -29.89 7.73 18.80
C ARG D 43 -31.34 8.15 18.84
N ALA D 44 -31.89 8.40 17.66
CA ALA D 44 -33.27 8.87 17.54
C ALA D 44 -34.16 7.78 16.96
N ARG D 45 -35.40 7.74 17.43
CA ARG D 45 -36.40 6.77 17.00
C ARG D 45 -36.89 7.09 15.58
N PRO D 46 -36.60 6.20 14.62
CA PRO D 46 -37.04 6.40 13.23
C PRO D 46 -38.52 6.04 13.03
N GLU D 47 -39.28 6.98 12.46
CA GLU D 47 -40.72 6.81 12.31
C GLU D 47 -41.13 5.59 11.51
N GLY D 48 -40.35 5.24 10.49
CA GLY D 48 -40.80 4.20 9.58
C GLY D 48 -40.66 2.76 10.04
N LEU D 49 -39.83 2.53 11.06
CA LEU D 49 -39.42 1.16 11.42
C LEU D 49 -40.23 0.53 12.55
N PRO D 50 -40.58 -0.76 12.38
CA PRO D 50 -41.15 -1.56 13.47
C PRO D 50 -40.20 -1.58 14.66
N GLU D 51 -40.78 -1.50 15.86
CA GLU D 51 -40.01 -1.48 17.10
C GLU D 51 -38.99 -2.61 17.20
N GLU D 52 -39.36 -3.79 16.72
CA GLU D 52 -38.52 -4.98 16.84
C GLU D 52 -37.22 -4.82 16.06
N LEU D 53 -37.25 -4.00 15.01
CA LEU D 53 -36.10 -3.88 14.14
C LEU D 53 -35.05 -2.90 14.62
N PHE D 54 -35.35 -2.14 15.66
CA PHE D 54 -34.37 -1.15 16.08
CA PHE D 54 -34.54 -1.00 16.08
C PHE D 54 -34.25 -1.01 17.58
N VAL D 55 -33.09 -0.54 17.99
CA VAL D 55 -32.86 -0.25 19.39
C VAL D 55 -32.23 1.13 19.48
N GLU D 56 -32.76 1.94 20.39
CA GLU D 56 -32.28 3.29 20.60
C GLU D 56 -31.09 3.27 21.53
N ALA D 57 -29.99 3.85 21.08
CA ALA D 57 -28.76 3.87 21.88
C ALA D 57 -27.78 4.88 21.32
N ASP D 58 -26.92 5.41 22.20
CA ASP D 58 -25.83 6.28 21.81
C ASP D 58 -24.56 5.42 21.76
N LEU D 59 -24.20 4.98 20.55
CA LEU D 59 -23.05 4.09 20.38
CA LEU D 59 -23.06 4.09 20.39
C LEU D 59 -21.71 4.76 20.65
N THR D 60 -21.69 6.07 20.83
CA THR D 60 -20.45 6.74 21.19
C THR D 60 -20.13 6.60 22.68
N THR D 61 -20.99 5.89 23.41
CA THR D 61 -20.76 5.66 24.84
C THR D 61 -20.71 4.17 25.16
N LYS D 62 -20.07 3.83 26.26
CA LYS D 62 -19.99 2.45 26.69
C LYS D 62 -21.37 1.87 26.98
N GLU D 63 -22.21 2.64 27.66
CA GLU D 63 -23.54 2.14 28.02
C GLU D 63 -24.40 1.91 26.78
N GLY D 64 -24.25 2.77 25.78
CA GLY D 64 -24.95 2.62 24.52
C GLY D 64 -24.60 1.32 23.83
N CYS D 65 -23.32 1.00 23.78
CA CYS D 65 -22.87 -0.23 23.15
C CYS D 65 -23.36 -1.46 23.93
N ALA D 66 -23.43 -1.36 25.25
CA ALA D 66 -23.97 -2.45 26.05
C ALA D 66 -25.44 -2.67 25.75
N ILE D 67 -26.19 -1.58 25.59
CA ILE D 67 -27.59 -1.69 25.20
C ILE D 67 -27.75 -2.43 23.87
N VAL D 68 -26.91 -2.10 22.90
CA VAL D 68 -26.99 -2.73 21.60
C VAL D 68 -26.63 -4.21 21.66
N ALA D 69 -25.58 -4.53 22.40
CA ALA D 69 -25.18 -5.92 22.57
C ALA D 69 -26.27 -6.74 23.24
N GLU D 70 -26.85 -6.18 24.30
CA GLU D 70 -27.90 -6.86 25.04
CA GLU D 70 -27.90 -6.88 25.03
C GLU D 70 -29.12 -7.10 24.15
N ALA D 71 -29.47 -6.09 23.35
CA ALA D 71 -30.65 -6.21 22.47
C ALA D 71 -30.41 -7.23 21.37
N THR D 72 -29.18 -7.27 20.86
CA THR D 72 -28.83 -8.23 19.82
C THR D 72 -29.07 -9.64 20.32
N ARG D 73 -28.57 -9.95 21.51
CA ARG D 73 -28.78 -11.27 22.08
C ARG D 73 -30.25 -11.55 22.39
N GLN D 74 -30.95 -10.58 22.95
CA GLN D 74 -32.34 -10.78 23.33
C GLN D 74 -33.26 -11.01 22.14
N ARG D 75 -33.05 -10.25 21.07
CA ARG D 75 -33.97 -10.25 19.94
C ARG D 75 -33.61 -11.20 18.81
N LEU D 76 -32.33 -11.33 18.53
CA LEU D 76 -31.87 -12.19 17.44
C LEU D 76 -31.46 -13.56 17.97
N GLY D 77 -31.07 -13.61 19.23
CA GLY D 77 -30.68 -14.85 19.86
C GLY D 77 -29.25 -15.21 19.52
N GLY D 78 -28.56 -14.25 18.93
CA GLY D 78 -27.21 -14.45 18.43
C GLY D 78 -27.06 -13.63 17.18
N VAL D 79 -25.90 -13.70 16.55
CA VAL D 79 -25.67 -12.88 15.37
C VAL D 79 -24.71 -13.59 14.43
N ASP D 80 -25.00 -13.51 13.13
CA ASP D 80 -24.20 -14.16 12.09
C ASP D 80 -23.42 -13.13 11.32
N VAL D 81 -23.92 -11.91 11.26
CA VAL D 81 -23.29 -10.84 10.50
C VAL D 81 -23.35 -9.57 11.30
N ILE D 82 -22.20 -8.93 11.51
CA ILE D 82 -22.19 -7.60 12.11
C ILE D 82 -21.68 -6.63 11.06
N VAL D 83 -22.49 -5.63 10.73
CA VAL D 83 -22.05 -4.57 9.82
C VAL D 83 -21.91 -3.28 10.61
N HIS D 84 -20.68 -2.82 10.79
CA HIS D 84 -20.42 -1.58 11.53
C HIS D 84 -20.49 -0.40 10.58
N MSE D 85 -21.55 0.41 10.72
CA MSE D 85 -21.72 1.56 9.82
C MSE D 85 -21.72 2.90 10.53
O MSE D 85 -21.85 3.94 9.90
CB MSE D 85 -22.98 1.40 8.97
CG MSE D 85 -23.01 0.05 8.29
SE MSE D 85 -24.23 -0.13 6.81
CE MSE D 85 -23.40 1.13 5.57
N LEU D 86 -21.55 2.88 11.84
CA LEU D 86 -21.43 4.13 12.56
C LEU D 86 -20.12 4.82 12.18
N GLY D 87 -20.21 6.11 11.85
CA GLY D 87 -19.03 6.87 11.48
C GLY D 87 -19.45 8.27 11.12
N GLY D 88 -18.49 9.17 11.01
CA GLY D 88 -18.78 10.54 10.63
C GLY D 88 -17.77 11.47 11.25
N SER D 89 -17.82 12.74 10.86
CA SER D 89 -16.89 13.74 11.41
C SER D 89 -17.64 15.02 11.71
N SER D 90 -17.53 15.51 12.93
CA SER D 90 -18.18 16.75 13.34
CA SER D 90 -18.18 16.75 13.34
C SER D 90 -17.17 17.87 13.58
N ALA D 91 -15.88 17.56 13.41
CA ALA D 91 -14.84 18.55 13.63
C ALA D 91 -14.93 19.68 12.61
N ALA D 92 -14.63 20.89 13.07
CA ALA D 92 -14.57 22.04 12.18
C ALA D 92 -13.21 22.12 11.49
N GLY D 93 -13.04 23.12 10.63
CA GLY D 93 -11.82 23.29 9.87
C GLY D 93 -10.69 23.84 10.70
N GLY D 94 -9.59 24.21 10.03
CA GLY D 94 -8.45 24.77 10.71
C GLY D 94 -7.26 23.83 10.84
N GLY D 95 -7.37 22.63 10.29
CA GLY D 95 -6.24 21.70 10.26
C GLY D 95 -5.93 21.08 11.61
N PHE D 96 -4.75 20.46 11.72
CA PHE D 96 -4.43 19.68 12.92
C PHE D 96 -4.46 20.53 14.19
N SER D 97 -4.04 21.79 14.09
CA SER D 97 -3.89 22.58 15.30
C SER D 97 -5.25 22.95 15.92
N ALA D 98 -6.32 22.84 15.13
CA ALA D 98 -7.65 23.22 15.56
C ALA D 98 -8.43 22.01 16.09
N LEU D 99 -7.77 20.87 16.19
CA LEU D 99 -8.41 19.69 16.79
C LEU D 99 -8.19 19.72 18.30
N SER D 100 -9.25 20.01 19.05
CA SER D 100 -9.19 19.99 20.51
C SER D 100 -9.21 18.56 20.99
N ASP D 101 -9.00 18.36 22.29
CA ASP D 101 -9.16 17.04 22.87
C ASP D 101 -10.57 16.53 22.67
N ASP D 102 -11.57 17.41 22.78
CA ASP D 102 -12.94 17.00 22.48
C ASP D 102 -13.09 16.49 21.05
N ASP D 103 -12.48 17.19 20.08
CA ASP D 103 -12.53 16.71 18.69
C ASP D 103 -11.93 15.32 18.55
N TRP D 104 -10.75 15.12 19.12
CA TRP D 104 -10.10 13.82 19.02
C TRP D 104 -10.94 12.73 19.67
N TYR D 105 -11.47 13.01 20.86
CA TYR D 105 -12.27 12.04 21.56
C TYR D 105 -13.52 11.69 20.75
N ASN D 106 -14.16 12.72 20.19
CA ASN D 106 -15.38 12.50 19.41
C ASN D 106 -15.08 11.65 18.18
N GLU D 107 -14.00 11.98 17.47
CA GLU D 107 -13.67 11.24 16.27
C GLU D 107 -13.33 9.79 16.56
N LEU D 108 -12.58 9.56 17.62
CA LEU D 108 -12.22 8.18 17.98
C LEU D 108 -13.41 7.39 18.49
N SER D 109 -14.25 8.02 19.30
CA SER D 109 -15.40 7.33 19.87
CA SER D 109 -15.40 7.31 19.86
C SER D 109 -16.40 6.91 18.79
N LEU D 110 -16.61 7.79 17.81
CA LEU D 110 -17.60 7.55 16.76
C LEU D 110 -17.05 6.56 15.71
N ASN D 111 -15.81 6.74 15.31
CA ASN D 111 -15.30 6.01 14.15
C ASN D 111 -14.52 4.74 14.44
N LEU D 112 -14.01 4.63 15.67
CA LEU D 112 -13.28 3.43 16.08
C LEU D 112 -13.91 2.70 17.24
N PHE D 113 -14.24 3.40 18.31
N PHE D 113 -14.20 3.43 18.32
CA PHE D 113 -14.48 2.67 19.55
CA PHE D 113 -14.53 2.84 19.63
C PHE D 113 -15.85 2.00 19.67
C PHE D 113 -15.80 2.00 19.62
N ALA D 114 -16.83 2.46 18.91
CA ALA D 114 -18.11 1.75 18.91
C ALA D 114 -17.89 0.36 18.33
N ALA D 115 -17.13 0.28 17.23
CA ALA D 115 -16.85 -1.01 16.64
C ALA D 115 -16.06 -1.89 17.62
N VAL D 116 -15.05 -1.31 18.23
CA VAL D 116 -14.23 -2.06 19.18
C VAL D 116 -15.08 -2.60 20.31
N ARG D 117 -15.91 -1.75 20.92
CA ARG D 117 -16.74 -2.20 22.03
C ARG D 117 -17.72 -3.30 21.61
N LEU D 118 -18.38 -3.12 20.49
CA LEU D 118 -19.36 -4.10 20.06
C LEU D 118 -18.71 -5.43 19.66
N ASP D 119 -17.56 -5.36 18.99
CA ASP D 119 -16.86 -6.59 18.61
C ASP D 119 -16.42 -7.37 19.85
N ARG D 120 -15.94 -6.66 20.86
CA ARG D 120 -15.46 -7.32 22.07
C ARG D 120 -16.60 -8.08 22.74
N GLN D 121 -17.80 -7.52 22.66
CA GLN D 121 -18.97 -8.15 23.22
C GLN D 121 -19.55 -9.29 22.38
N LEU D 122 -19.50 -9.17 21.05
CA LEU D 122 -20.29 -10.06 20.21
C LEU D 122 -19.46 -11.04 19.37
N VAL D 123 -18.24 -10.69 19.01
CA VAL D 123 -17.47 -11.60 18.17
C VAL D 123 -17.04 -12.91 18.87
N PRO D 124 -16.71 -12.88 20.18
CA PRO D 124 -16.33 -14.16 20.78
C PRO D 124 -17.39 -15.24 20.70
N ASP D 125 -18.66 -14.87 20.75
CA ASP D 125 -19.69 -15.89 20.63
C ASP D 125 -19.79 -16.40 19.19
N MSE D 126 -19.49 -15.54 18.23
N MSE D 126 -19.50 -15.55 18.21
CA MSE D 126 -19.44 -15.96 16.84
CA MSE D 126 -19.46 -16.00 16.83
C MSE D 126 -18.30 -16.96 16.66
C MSE D 126 -18.29 -16.96 16.64
O MSE D 126 -18.47 -17.98 16.00
O MSE D 126 -18.43 -17.98 15.96
CB MSE D 126 -19.25 -14.75 15.94
CB MSE D 126 -19.43 -14.83 15.85
CG MSE D 126 -20.33 -13.71 16.14
CG MSE D 126 -20.70 -13.96 15.89
SE MSE D 126 -20.00 -12.10 15.16
SE MSE D 126 -21.06 -12.93 14.26
CE MSE D 126 -19.33 -12.94 13.58
CE MSE D 126 -19.27 -12.35 14.19
N VAL D 127 -17.16 -16.65 17.26
CA VAL D 127 -16.01 -17.55 17.22
C VAL D 127 -16.32 -18.90 17.85
N ALA D 128 -17.01 -18.87 18.99
CA ALA D 128 -17.37 -20.10 19.68
C ALA D 128 -18.22 -21.00 18.78
N ARG D 129 -19.12 -20.38 18.02
CA ARG D 129 -19.94 -21.13 17.06
C ARG D 129 -19.12 -21.62 15.87
N GLY D 130 -18.16 -20.81 15.42
CA GLY D 130 -17.32 -21.21 14.31
C GLY D 130 -17.79 -20.68 12.98
N SER D 131 -18.63 -19.63 13.00
CA SER D 131 -19.10 -19.04 11.75
C SER D 131 -19.55 -17.63 11.97
N GLY D 132 -19.52 -16.82 10.92
CA GLY D 132 -19.95 -15.44 11.04
C GLY D 132 -19.12 -14.53 10.16
N VAL D 133 -19.59 -13.30 9.98
CA VAL D 133 -18.88 -12.28 9.20
C VAL D 133 -19.00 -10.94 9.91
N VAL D 134 -17.87 -10.24 10.01
CA VAL D 134 -17.85 -8.88 10.50
C VAL D 134 -17.40 -7.98 9.36
N VAL D 135 -18.17 -6.92 9.11
CA VAL D 135 -17.83 -5.90 8.13
C VAL D 135 -17.57 -4.58 8.85
N HIS D 136 -16.36 -4.07 8.73
CA HIS D 136 -16.02 -2.73 9.23
C HIS D 136 -16.09 -1.76 8.06
N VAL D 137 -16.99 -0.79 8.12
CA VAL D 137 -17.02 0.24 7.10
C VAL D 137 -16.02 1.32 7.48
N THR D 138 -14.94 1.40 6.70
CA THR D 138 -13.86 2.34 6.95
C THR D 138 -14.09 3.64 6.17
N SER D 139 -13.20 3.98 5.24
CA SER D 139 -13.25 5.24 4.48
C SER D 139 -11.96 5.37 3.73
N ILE D 140 -12.03 5.87 2.49
CA ILE D 140 -10.78 6.09 1.77
C ILE D 140 -9.86 7.06 2.49
N GLN D 141 -10.38 7.87 3.41
CA GLN D 141 -9.49 8.75 4.17
C GLN D 141 -8.49 8.00 5.04
N ARG D 142 -8.75 6.72 5.33
CA ARG D 142 -7.77 5.96 6.09
C ARG D 142 -6.43 5.85 5.34
N VAL D 143 -6.49 5.88 4.02
CA VAL D 143 -5.28 5.90 3.20
CA VAL D 143 -5.33 5.86 3.14
C VAL D 143 -5.04 7.26 2.54
N LEU D 144 -6.10 8.02 2.29
CA LEU D 144 -6.03 9.30 1.56
C LEU D 144 -6.58 10.43 2.44
N PRO D 145 -5.81 10.86 3.44
CA PRO D 145 -6.40 11.79 4.41
C PRO D 145 -6.56 13.20 3.86
N LEU D 146 -7.65 13.85 4.25
CA LEU D 146 -7.92 15.24 3.91
C LEU D 146 -7.75 16.05 5.20
N PRO D 147 -6.77 16.97 5.22
CA PRO D 147 -6.38 17.50 6.52
C PRO D 147 -7.22 18.64 7.10
N GLU D 148 -8.00 19.36 6.30
CA GLU D 148 -8.61 20.60 6.79
C GLU D 148 -9.53 20.40 8.01
N SER D 149 -10.46 19.45 7.94
CA SER D 149 -11.31 19.16 9.09
C SER D 149 -11.30 17.69 9.48
N THR D 150 -10.65 16.87 8.67
CA THR D 150 -10.78 15.42 8.85
C THR D 150 -9.45 14.71 9.18
N THR D 151 -8.50 15.43 9.76
CA THR D 151 -7.25 14.79 10.18
C THR D 151 -7.48 13.70 11.22
N ALA D 152 -8.28 13.99 12.23
CA ALA D 152 -8.56 13.00 13.27
C ALA D 152 -9.53 11.91 12.76
N TYR D 153 -10.48 12.30 11.92
CA TYR D 153 -11.35 11.33 11.26
C TYR D 153 -10.52 10.29 10.49
N ALA D 154 -9.59 10.76 9.67
CA ALA D 154 -8.73 9.87 8.91
C ALA D 154 -7.89 8.97 9.81
N ALA D 155 -7.33 9.55 10.87
CA ALA D 155 -6.53 8.78 11.79
C ALA D 155 -7.36 7.68 12.45
N ALA D 156 -8.57 8.02 12.89
CA ALA D 156 -9.45 7.03 13.51
C ALA D 156 -9.80 5.92 12.55
N LYS D 157 -10.09 6.27 11.30
CA LYS D 157 -10.43 5.26 10.30
C LYS D 157 -9.24 4.36 9.98
N ALA D 158 -8.02 4.90 10.05
CA ALA D 158 -6.83 4.09 9.84
C ALA D 158 -6.63 3.12 11.00
N ALA D 159 -6.85 3.59 12.23
CA ALA D 159 -6.84 2.67 13.38
C ALA D 159 -7.84 1.56 13.18
N LEU D 160 -9.06 1.90 12.78
CA LEU D 160 -10.09 0.91 12.54
C LEU D 160 -9.66 -0.12 11.49
N SER D 161 -9.06 0.37 10.42
CA SER D 161 -8.69 -0.53 9.33
C SER D 161 -7.62 -1.55 9.76
N THR D 162 -6.60 -1.08 10.48
CA THR D 162 -5.55 -1.99 10.96
C THR D 162 -6.06 -2.92 12.03
N TYR D 163 -6.90 -2.40 12.93
CA TYR D 163 -7.56 -3.23 13.93
C TYR D 163 -8.36 -4.37 13.28
N SER D 164 -9.06 -4.05 12.20
CA SER D 164 -9.87 -5.04 11.49
C SER D 164 -8.98 -6.16 10.93
N LYS D 165 -7.86 -5.78 10.31
CA LYS D 165 -6.94 -6.77 9.76
C LYS D 165 -6.35 -7.63 10.88
N ALA D 166 -6.02 -7.03 12.01
CA ALA D 166 -5.52 -7.80 13.16
C ALA D 166 -6.56 -8.81 13.61
N MSE D 167 -7.79 -8.36 13.76
CA MSE D 167 -8.83 -9.30 14.18
CA MSE D 167 -9.01 -9.12 14.01
C MSE D 167 -9.06 -10.38 13.16
O MSE D 167 -9.18 -11.52 13.58
CB MSE D 167 -10.13 -8.61 14.51
CB MSE D 167 -10.24 -8.25 13.75
CG MSE D 167 -11.06 -9.48 15.40
CG MSE D 167 -10.47 -7.15 14.78
SE MSE D 167 -12.63 -8.51 16.01
SE MSE D 167 -10.59 -7.85 16.60
CE MSE D 167 -13.31 -8.62 14.38
CE MSE D 167 -12.30 -8.75 16.46
N SER D 168 -8.97 -10.10 11.87
CA SER D 168 -9.09 -11.13 10.85
C SER D 168 -8.02 -12.20 11.01
N LYS D 169 -6.79 -11.81 11.31
CA LYS D 169 -5.73 -12.79 11.48
C LYS D 169 -6.07 -13.73 12.63
N GLU D 170 -6.68 -13.19 13.68
CA GLU D 170 -7.01 -14.01 14.83
C GLU D 170 -8.20 -14.93 14.60
N VAL D 171 -9.28 -14.39 14.02
CA VAL D 171 -10.53 -15.13 14.02
C VAL D 171 -10.85 -15.82 12.69
N SER D 172 -10.22 -15.44 11.58
CA SER D 172 -10.45 -16.14 10.30
CA SER D 172 -10.51 -16.15 10.34
C SER D 172 -10.13 -17.64 10.38
N PRO D 173 -9.04 -18.01 11.09
CA PRO D 173 -8.78 -19.45 11.19
C PRO D 173 -9.85 -20.22 11.97
N LYS D 174 -10.69 -19.48 12.70
CA LYS D 174 -11.72 -20.06 13.55
C LYS D 174 -13.10 -20.00 12.87
N GLY D 175 -13.14 -19.56 11.61
CA GLY D 175 -14.37 -19.59 10.84
C GLY D 175 -15.14 -18.29 10.73
N VAL D 176 -14.63 -17.22 11.34
CA VAL D 176 -15.27 -15.91 11.24
C VAL D 176 -14.51 -15.04 10.25
N ARG D 177 -15.19 -14.55 9.21
CA ARG D 177 -14.53 -13.65 8.25
C ARG D 177 -14.63 -12.22 8.72
N VAL D 178 -13.61 -11.43 8.44
CA VAL D 178 -13.57 -10.02 8.87
C VAL D 178 -13.05 -9.19 7.70
N VAL D 179 -13.92 -8.34 7.16
CA VAL D 179 -13.61 -7.59 5.95
C VAL D 179 -13.92 -6.12 6.18
N ARG D 180 -13.34 -5.28 5.34
CA ARG D 180 -13.59 -3.85 5.34
C ARG D 180 -14.18 -3.38 4.03
N VAL D 181 -15.12 -2.45 4.12
CA VAL D 181 -15.65 -1.72 2.98
C VAL D 181 -15.25 -0.28 3.14
N SER D 182 -14.53 0.26 2.16
CA SER D 182 -13.97 1.59 2.29
C SER D 182 -14.58 2.54 1.26
N PRO D 183 -15.57 3.34 1.68
CA PRO D 183 -16.23 4.22 0.72
C PRO D 183 -15.51 5.54 0.50
N GLY D 184 -15.67 6.08 -0.70
CA GLY D 184 -15.42 7.48 -0.95
C GLY D 184 -16.63 8.31 -0.56
N TRP D 185 -16.81 9.42 -1.26
CA TRP D 185 -17.97 10.26 -1.03
C TRP D 185 -19.23 9.48 -1.37
N ILE D 186 -20.16 9.42 -0.41
CA ILE D 186 -21.49 8.83 -0.62
C ILE D 186 -22.49 9.97 -0.64
N GLU D 187 -23.35 9.98 -1.66
CA GLU D 187 -24.39 11.00 -1.77
C GLU D 187 -25.48 10.76 -0.74
N THR D 188 -25.57 11.63 0.26
CA THR D 188 -26.53 11.49 1.34
C THR D 188 -27.07 12.87 1.68
N GLU D 189 -28.09 12.92 2.54
CA GLU D 189 -28.61 14.20 2.99
C GLU D 189 -27.50 14.99 3.70
N ALA D 190 -26.69 14.29 4.49
CA ALA D 190 -25.56 14.89 5.19
C ALA D 190 -24.52 15.49 4.24
N SER D 191 -24.14 14.74 3.21
CA SER D 191 -23.12 15.23 2.28
C SER D 191 -23.66 16.32 1.34
N VAL D 192 -24.97 16.31 1.09
CA VAL D 192 -25.59 17.39 0.33
C VAL D 192 -25.54 18.69 1.14
N ARG D 193 -25.76 18.57 2.45
CA ARG D 193 -25.68 19.72 3.33
C ARG D 193 -24.26 20.28 3.44
N LEU D 194 -23.27 19.39 3.41
CA LEU D 194 -21.88 19.82 3.37
C LEU D 194 -21.61 20.61 2.09
N ALA D 195 -22.13 20.11 0.98
CA ALA D 195 -21.99 20.78 -0.31
C ALA D 195 -22.61 22.16 -0.23
N GLU D 196 -23.69 22.28 0.53
CA GLU D 196 -24.36 23.56 0.73
C GLU D 196 -23.50 24.55 1.50
N ARG D 197 -22.96 24.12 2.64
CA ARG D 197 -22.10 24.97 3.45
C ARG D 197 -20.87 25.44 2.66
N LEU D 198 -20.32 24.54 1.84
CA LEU D 198 -19.20 24.88 0.98
C LEU D 198 -19.67 25.81 -0.14
N ALA D 199 -20.86 25.55 -0.67
CA ALA D 199 -21.45 26.39 -1.71
C ALA D 199 -21.68 27.80 -1.18
N LYS D 200 -22.21 27.89 0.03
CA LYS D 200 -22.47 29.17 0.68
C LYS D 200 -21.19 29.98 0.81
N GLN D 201 -20.14 29.32 1.32
CA GLN D 201 -18.89 30.00 1.60
C GLN D 201 -18.16 30.42 0.33
N ALA D 202 -18.36 29.66 -0.75
CA ALA D 202 -17.70 29.95 -2.02
C ALA D 202 -18.54 30.86 -2.90
N GLY D 203 -19.80 31.08 -2.50
CA GLY D 203 -20.70 31.90 -3.27
C GLY D 203 -21.05 31.31 -4.62
N THR D 204 -21.22 29.99 -4.67
CA THR D 204 -21.64 29.30 -5.89
C THR D 204 -22.95 28.54 -5.67
N ASP D 205 -23.36 27.77 -6.67
CA ASP D 205 -24.57 26.96 -6.52
C ASP D 205 -24.28 25.69 -5.71
N LEU D 206 -25.28 24.82 -5.61
CA LEU D 206 -25.15 23.58 -4.83
C LEU D 206 -24.24 22.57 -5.49
N GLU D 207 -24.43 22.35 -6.78
CA GLU D 207 -23.56 21.41 -7.50
C GLU D 207 -22.18 22.02 -7.64
N GLY D 208 -22.13 23.35 -7.64
CA GLY D 208 -20.87 24.06 -7.56
C GLY D 208 -20.12 23.59 -6.33
N GLY D 209 -20.85 23.44 -5.24
CA GLY D 209 -20.30 22.90 -4.00
C GLY D 209 -19.94 21.44 -4.13
N LYS D 210 -20.70 20.72 -4.96
CA LYS D 210 -20.40 19.31 -5.21
C LYS D 210 -19.10 19.20 -6.00
N LYS D 211 -18.88 20.14 -6.90
CA LYS D 211 -17.62 20.20 -7.64
C LYS D 211 -16.46 20.48 -6.69
N ILE D 212 -16.69 21.36 -5.72
CA ILE D 212 -15.70 21.67 -4.71
C ILE D 212 -15.31 20.43 -3.92
N ILE D 213 -16.31 19.62 -3.56
CA ILE D 213 -16.06 18.36 -2.87
C ILE D 213 -15.22 17.44 -3.74
N MSE D 214 -15.65 17.18 -4.97
CA MSE D 214 -14.90 16.29 -5.86
C MSE D 214 -13.47 16.77 -6.12
O MSE D 214 -12.54 15.98 -6.10
CB MSE D 214 -15.64 16.04 -7.17
CG MSE D 214 -16.80 15.08 -7.03
SE MSE D 214 -17.60 14.45 -8.68
CE MSE D 214 -16.43 15.33 -9.91
N ASP D 215 -13.32 18.06 -6.37
CA ASP D 215 -11.98 18.62 -6.57
C ASP D 215 -11.12 18.45 -5.31
N GLY D 216 -11.73 18.61 -4.15
CA GLY D 216 -11.01 18.48 -2.89
C GLY D 216 -10.50 17.08 -2.64
N LEU D 217 -11.12 16.10 -3.30
CA LEU D 217 -10.71 14.71 -3.19
C LEU D 217 -9.63 14.35 -4.19
N GLY D 218 -9.34 15.26 -5.12
CA GLY D 218 -8.40 15.00 -6.19
C GLY D 218 -9.11 14.52 -7.45
N GLY D 219 -10.43 14.65 -7.45
CA GLY D 219 -11.25 14.22 -8.58
C GLY D 219 -11.77 12.81 -8.39
N ILE D 220 -12.96 12.53 -8.95
CA ILE D 220 -13.52 11.18 -8.96
C ILE D 220 -13.60 10.76 -10.42
N PRO D 221 -12.78 9.76 -10.81
CA PRO D 221 -12.79 9.36 -12.23
C PRO D 221 -14.19 9.00 -12.76
N LEU D 222 -14.97 8.28 -11.96
CA LEU D 222 -16.34 7.95 -12.36
C LEU D 222 -17.21 9.19 -12.57
N GLY D 223 -16.90 10.27 -11.87
CA GLY D 223 -17.55 11.56 -12.10
C GLY D 223 -18.71 11.87 -11.18
N ARG D 224 -18.96 11.00 -10.22
CA ARG D 224 -20.09 11.15 -9.31
C ARG D 224 -19.79 10.39 -8.03
N PRO D 225 -20.43 10.78 -6.92
CA PRO D 225 -20.31 10.02 -5.67
C PRO D 225 -21.03 8.69 -5.76
N ALA D 226 -20.76 7.81 -4.81
CA ALA D 226 -21.49 6.55 -4.68
C ALA D 226 -22.87 6.79 -4.12
N LYS D 227 -23.84 5.99 -4.55
CA LYS D 227 -25.18 6.02 -3.96
C LYS D 227 -25.23 5.11 -2.75
N PRO D 228 -26.09 5.45 -1.77
CA PRO D 228 -26.22 4.57 -0.61
C PRO D 228 -26.48 3.10 -0.98
N GLU D 229 -27.33 2.88 -1.98
CA GLU D 229 -27.65 1.51 -2.41
C GLU D 229 -26.42 0.78 -2.94
N GLU D 230 -25.50 1.51 -3.53
CA GLU D 230 -24.30 0.91 -4.08
C GLU D 230 -23.37 0.40 -2.97
N VAL D 231 -23.24 1.17 -1.91
CA VAL D 231 -22.52 0.72 -0.73
C VAL D 231 -23.20 -0.52 -0.13
N ALA D 232 -24.54 -0.49 -0.01
CA ALA D 232 -25.29 -1.64 0.46
C ALA D 232 -25.03 -2.89 -0.39
N ASN D 233 -25.00 -2.74 -1.72
CA ASN D 233 -24.78 -3.89 -2.59
C ASN D 233 -23.47 -4.61 -2.26
N LEU D 234 -22.41 -3.84 -2.05
CA LEU D 234 -21.10 -4.41 -1.78
C LEU D 234 -21.07 -5.09 -0.42
N ILE D 235 -21.69 -4.47 0.59
CA ILE D 235 -21.76 -5.06 1.91
C ILE D 235 -22.54 -6.39 1.86
N ALA D 236 -23.66 -6.40 1.14
CA ALA D 236 -24.45 -7.61 1.03
C ALA D 236 -23.63 -8.72 0.37
N PHE D 237 -22.92 -8.40 -0.70
CA PHE D 237 -22.08 -9.41 -1.33
C PHE D 237 -21.08 -10.00 -0.34
N LEU D 238 -20.38 -9.12 0.39
CA LEU D 238 -19.33 -9.58 1.30
C LEU D 238 -19.88 -10.36 2.47
N ALA D 239 -21.10 -10.04 2.90
CA ALA D 239 -21.74 -10.77 4.00
C ALA D 239 -22.23 -12.15 3.60
N SER D 240 -22.39 -12.37 2.29
CA SER D 240 -23.02 -13.58 1.78
C SER D 240 -22.04 -14.73 1.64
N ASP D 241 -22.59 -15.93 1.44
CA ASP D 241 -21.76 -17.12 1.28
C ASP D 241 -21.04 -17.14 -0.07
N ARG D 242 -21.39 -16.19 -0.95
CA ARG D 242 -20.67 -16.04 -2.21
C ARG D 242 -19.29 -15.42 -2.01
N ALA D 243 -19.01 -14.97 -0.79
CA ALA D 243 -17.73 -14.33 -0.44
C ALA D 243 -16.95 -15.15 0.59
N ALA D 244 -17.18 -16.46 0.62
CA ALA D 244 -16.60 -17.32 1.64
C ALA D 244 -15.07 -17.36 1.68
N SER D 245 -14.39 -17.02 0.57
CA SER D 245 -12.92 -17.00 0.58
C SER D 245 -12.34 -15.60 0.74
N ILE D 246 -13.21 -14.63 1.02
CA ILE D 246 -12.77 -13.24 1.17
C ILE D 246 -12.72 -12.86 2.64
N THR D 247 -11.51 -12.67 3.16
CA THR D 247 -11.36 -12.23 4.53
C THR D 247 -10.06 -11.43 4.64
N GLY D 248 -9.98 -10.57 5.64
CA GLY D 248 -8.76 -9.79 5.88
C GLY D 248 -8.42 -8.87 4.74
N ALA D 249 -9.44 -8.32 4.07
CA ALA D 249 -9.24 -7.48 2.90
C ALA D 249 -10.12 -6.25 3.00
N GLU D 250 -9.71 -5.18 2.33
CA GLU D 250 -10.48 -3.94 2.26
C GLU D 250 -10.90 -3.72 0.81
N TYR D 251 -12.21 -3.58 0.61
CA TYR D 251 -12.78 -3.41 -0.71
C TYR D 251 -13.23 -1.96 -0.84
N THR D 252 -12.63 -1.23 -1.77
CA THR D 252 -12.86 0.20 -1.90
C THR D 252 -13.99 0.48 -2.88
N ILE D 253 -14.90 1.38 -2.50
CA ILE D 253 -16.01 1.78 -3.37
C ILE D 253 -16.02 3.31 -3.42
N ASP D 254 -15.35 3.84 -4.45
CA ASP D 254 -15.06 5.27 -4.49
C ASP D 254 -14.99 5.84 -5.91
N GLY D 255 -15.48 5.12 -6.90
CA GLY D 255 -15.47 5.66 -8.26
C GLY D 255 -14.08 5.91 -8.81
N GLY D 256 -13.06 5.29 -8.20
CA GLY D 256 -11.68 5.47 -8.65
C GLY D 256 -10.92 6.56 -7.91
N THR D 257 -11.54 7.20 -6.90
CA THR D 257 -10.93 8.37 -6.26
C THR D 257 -9.47 8.15 -5.79
N VAL D 258 -9.24 7.09 -5.03
CA VAL D 258 -7.88 6.82 -4.56
C VAL D 258 -7.01 6.54 -5.79
N PRO D 259 -5.95 7.36 -6.01
CA PRO D 259 -5.31 7.36 -7.34
C PRO D 259 -4.12 6.41 -7.44
N THR D 260 -3.86 5.64 -6.40
CA THR D 260 -2.78 4.67 -6.40
C THR D 260 -3.28 3.28 -6.76
N ALA D 261 -2.41 2.51 -7.40
CA ALA D 261 -2.73 1.13 -7.77
C ALA D 261 -2.89 0.24 -6.55
CA CA E . 14.50 -21.02 -15.45
CL CL F . -9.27 5.20 -11.52
CL CL G . -8.78 -27.16 -12.99
CL CL H . 9.05 -19.01 -3.19
CL CL I . -27.64 -7.04 -11.43
CL CL J . -5.79 -26.70 -13.77
CL CL K . -1.84 -21.73 6.64
CL CL L . -4.06 -0.71 -32.05
CL CL M . -3.86 10.41 -10.69
CL CL N . 2.39 -3.84 -2.28
CL CL O . 19.01 -16.02 -20.94
CL CL P . -20.23 0.60 -17.39
CL CL Q . -2.06 -6.24 -32.11
CL CL R . -29.82 -13.31 -7.00
CL CL S . -6.35 -12.02 -21.57
C1 MPD T . 2.23 -20.54 -5.00
C2 MPD T . 1.06 -20.55 -5.98
O2 MPD T . 1.58 -20.20 -7.26
CM MPD T . 0.42 -21.93 -6.06
C3 MPD T . -0.03 -19.55 -5.61
C4 MPD T . 0.45 -18.09 -5.63
O4 MPD T . 0.82 -17.71 -6.97
C5 MPD T . -0.64 -17.15 -5.16
C1 MPD U . -5.77 -18.48 -13.39
C2 MPD U . -6.12 -17.02 -13.12
O2 MPD U . -6.50 -16.41 -14.36
CM MPD U . -7.29 -16.92 -12.16
C3 MPD U . -4.89 -16.30 -12.59
C4 MPD U . -3.86 -16.14 -13.70
O4 MPD U . -4.07 -14.89 -14.36
C5 MPD U . -2.43 -16.25 -13.18
C1 MPD V . -0.68 -19.79 -10.89
C2 MPD V . 0.68 -20.45 -11.06
O2 MPD V . 0.87 -20.74 -12.45
CM MPD V . 1.76 -19.49 -10.60
C3 MPD V . 0.77 -21.73 -10.26
C4 MPD V . -0.31 -22.75 -10.60
O4 MPD V . -0.27 -23.02 -12.01
C5 MPD V . -0.09 -24.04 -9.83
CA CA W . -5.69 -7.36 28.68
CA CA X . 3.70 9.51 -0.06
CA CA Y . -6.63 -5.88 30.62
CL CL Z . 2.29 15.10 1.93
CL CL AA . 6.15 11.90 21.47
CL CL BA . 17.96 -0.35 25.72
CL CL CA . 2.98 -2.76 -4.03
CL CL DA . 13.04 18.36 34.54
CL CL EA . -2.49 19.46 25.47
CL CL FA . 22.50 -18.07 22.58
CL CL GA . 29.70 12.83 7.14
CL CL HA . 0.72 -12.15 17.34
C1 MPD IA . 7.63 -8.27 18.03
C2 MPD IA . 8.23 -6.93 18.45
O2 MPD IA . 7.29 -6.23 19.27
CM MPD IA . 9.52 -7.14 19.24
C3 MPD IA . 8.53 -6.07 17.23
C4 MPD IA . 7.28 -5.69 16.44
O4 MPD IA . 6.42 -4.85 17.21
C5 MPD IA . 7.71 -4.97 15.16
C1 MPD JA . 7.82 -2.38 21.05
C2 MPD JA . 6.93 -3.31 21.87
O2 MPD JA . 6.57 -2.64 23.10
CM MPD JA . 5.68 -3.65 21.10
C3 MPD JA . 7.69 -4.59 22.21
C4 MPD JA . 9.00 -4.32 22.94
O4 MPD JA . 8.74 -3.65 24.17
C5 MPD JA . 9.75 -5.62 23.21
C1 MPD KA . 7.89 4.19 19.15
C2 MPD KA . 8.13 2.68 19.16
O2 MPD KA . 6.97 1.99 19.64
CM MPD KA . 8.41 2.17 17.75
C3 MPD KA . 9.39 2.43 19.97
C4 MPD KA . 10.43 3.49 19.60
O4 MPD KA . 10.64 4.40 20.69
C5 MPD KA . 11.77 2.88 19.20
CA CA LA . 2.68 5.57 -29.64
CA CA MA . -0.42 15.08 -4.30
CA CA MA . -2.24 16.28 -3.86
CA CA NA . 13.02 14.97 -15.30
CL CL OA . 12.84 -8.56 1.67
CL CL PA . 18.13 16.18 -18.73
CL CL QA . 7.15 -13.50 1.57
CL CL RA . -1.74 3.00 4.28
CL CL RA . -2.01 3.79 2.31
CL CL SA . 8.46 31.41 -20.16
CL CL TA . 20.04 17.35 -16.60
CL CL UA . 11.41 13.13 -13.62
CL CL VA . 20.20 -0.29 -15.08
CL CL WA . -1.56 11.75 -17.67
C1 MPD XA . 5.17 13.58 -15.06
C2 MPD XA . 6.69 13.49 -15.01
O2 MPD XA . 7.14 12.51 -15.97
CM MPD XA . 7.30 14.85 -15.37
C3 MPD XA . 7.16 13.07 -13.63
C4 MPD XA . 6.53 11.76 -13.20
O4 MPD XA . 6.99 10.68 -14.02
C5 MPD XA . 6.85 11.43 -11.74
C1 MPD YA . 12.76 -11.68 -22.84
C2 MPD YA . 13.55 -10.40 -23.00
O2 MPD YA . 14.83 -10.72 -23.58
CM MPD YA . 12.83 -9.45 -23.94
C3 MPD YA . 13.78 -9.73 -21.65
C4 MPD YA . 14.89 -10.40 -20.84
O4 MPD YA . 16.15 -10.20 -21.50
C5 MPD YA . 14.96 -9.83 -19.43
C1 MPD ZA . 10.98 10.62 -16.52
C2 MPD ZA . 10.12 10.77 -17.76
O2 MPD ZA . 10.87 10.32 -18.90
CM MPD ZA . 8.88 9.90 -17.62
C3 MPD ZA . 9.67 12.21 -18.00
C4 MPD ZA . 10.76 13.26 -17.84
O4 MPD ZA . 10.71 14.18 -18.94
C5 MPD ZA . 10.52 14.08 -16.57
C1 MPD AB . 14.73 6.30 -13.96
C2 MPD AB . 13.71 7.41 -13.93
O2 MPD AB . 12.74 6.97 -14.88
CM MPD AB . 13.06 7.55 -12.57
C3 MPD AB . 14.35 8.75 -14.31
C4 MPD AB . 15.87 8.77 -14.12
O4 MPD AB . 16.41 9.79 -14.97
C5 MPD AB . 16.30 9.06 -12.68
CA CA BB . -11.97 22.17 16.39
CA CA CB . -10.38 20.21 27.19
CA CA DB . -7.47 12.17 -9.48
CA CA EB . -17.17 -19.48 8.03
CL CL FB . -6.24 -12.01 7.71
CL CL GB . -27.51 11.63 5.81
CL CL HB . -20.41 0.25 14.94
CL CL IB . -19.56 10.56 2.50
CL CL JB . -23.85 -15.38 18.25
CL CL JB . -24.23 -16.86 19.68
CL CL KB . -29.48 10.33 3.83
CL CL LB . -34.56 -6.17 23.70
CL CL MB . -17.64 -2.04 26.61
C1 MPD NB . -15.20 14.76 1.55
C2 MPD NB . -16.20 13.71 2.01
O2 MPD NB . -16.22 13.72 3.44
CM MPD NB . -17.59 14.05 1.48
C3 MPD NB . -15.84 12.30 1.52
C4 MPD NB . -14.53 11.75 2.06
O4 MPD NB . -14.59 11.62 3.49
C5 MPD NB . -14.25 10.38 1.46
C1 MPD OB . -18.42 11.32 6.23
C2 MPD OB . -18.09 12.73 6.70
O2 MPD OB . -18.65 12.93 8.01
CM MPD OB . -16.58 12.92 6.78
C3 MPD OB . -18.70 13.77 5.78
C4 MPD OB . -20.21 13.67 5.73
O4 MPD OB . -20.76 13.77 7.05
C5 MPD OB . -20.78 14.80 4.88
#